data_3K77
#
_entry.id   3K77
#
_cell.length_a   64.451
_cell.length_b   89.302
_cell.length_c   93.178
_cell.angle_alpha   90.000
_cell.angle_beta   90.030
_cell.angle_gamma   90.000
#
_symmetry.space_group_name_H-M   'P 1 21 1'
#
loop_
_entity.id
_entity.type
_entity.pdbx_description
1 polymer 'DNA repair protein XRCC1'
2 water water
#
_entity_poly.entity_id   1
_entity_poly.type   'polypeptide(L)'
_entity_poly.pdbx_seq_one_letter_code
;MPEIRLRHVVSCSSQDSTHCAENLLKADTYRKWRAAKAGEKTISVVLQLEKEEQIHSVDIGNDGSAFVEVLVGSSAGGAG
EQDYEVLLVTSSFMSPSESRSGSNPNRVRMFGPDKLVRAAAEKRWDRVKIVCSQPYSKDSPFGLSFVRFHSPPDKHHHHH
H
;
_entity_poly.pdbx_strand_id   A,B,C,D,E,F,G,H
#
# COMPACT_ATOMS: atom_id res chain seq x y z
N PRO A 2 10.66 -11.98 9.94
CA PRO A 2 9.48 -11.24 10.38
C PRO A 2 8.47 -12.17 11.04
N GLU A 3 7.88 -11.74 12.14
CA GLU A 3 6.85 -12.53 12.81
C GLU A 3 5.65 -12.72 11.88
N ILE A 4 5.23 -13.97 11.75
CA ILE A 4 4.03 -14.30 10.98
C ILE A 4 2.77 -13.99 11.78
N ARG A 5 1.79 -13.41 11.10
CA ARG A 5 0.54 -13.03 11.74
C ARG A 5 -0.49 -14.14 11.60
N LEU A 6 -1.19 -14.42 12.70
CA LEU A 6 -2.21 -15.47 12.75
C LEU A 6 -3.62 -14.89 12.75
N ARG A 7 -4.45 -15.35 11.83
CA ARG A 7 -5.78 -14.81 11.63
C ARG A 7 -6.80 -15.33 12.65
N HIS A 8 -6.98 -16.65 12.69
CA HIS A 8 -7.96 -17.22 13.61
C HIS A 8 -7.64 -18.68 13.95
N VAL A 9 -8.38 -19.22 14.91
CA VAL A 9 -8.29 -20.63 15.29
C VAL A 9 -9.28 -21.44 14.44
N VAL A 10 -8.75 -22.38 13.66
CA VAL A 10 -9.59 -23.23 12.79
C VAL A 10 -10.30 -24.36 13.55
N SER A 11 -9.60 -24.95 14.51
CA SER A 11 -10.13 -26.04 15.29
C SER A 11 -9.29 -26.16 16.55
N CYS A 12 -9.84 -26.82 17.55
CA CYS A 12 -9.17 -27.02 18.83
C CYS A 12 -9.78 -28.25 19.45
N SER A 13 -8.94 -29.21 19.84
CA SER A 13 -9.42 -30.47 20.41
C SER A 13 -9.93 -30.30 21.84
N SER A 14 -9.41 -29.29 22.53
CA SER A 14 -9.74 -29.06 23.93
C SER A 14 -9.18 -27.72 24.38
N GLN A 15 -10.01 -26.95 25.10
CA GLN A 15 -9.56 -25.65 25.59
C GLN A 15 -10.34 -25.21 26.81
N ASP A 16 -9.69 -24.36 27.60
CA ASP A 16 -10.23 -23.79 28.83
C ASP A 16 -11.07 -22.55 28.54
N SER A 17 -11.94 -22.17 29.48
CA SER A 17 -12.80 -21.00 29.27
C SER A 17 -12.01 -19.69 29.33
N THR A 18 -10.98 -19.71 30.18
CA THR A 18 -10.05 -18.59 30.28
C THR A 18 -8.80 -18.81 29.40
N HIS A 19 -8.16 -19.98 29.55
CA HIS A 19 -7.00 -20.32 28.73
C HIS A 19 -7.46 -21.03 27.46
N CYS A 20 -7.99 -20.24 26.53
CA CYS A 20 -8.55 -20.77 25.29
C CYS A 20 -7.56 -20.64 24.14
N ALA A 21 -7.83 -21.36 23.05
CA ALA A 21 -6.97 -21.37 21.87
C ALA A 21 -6.70 -19.97 21.29
N GLU A 22 -7.71 -19.11 21.36
CA GLU A 22 -7.62 -17.76 20.80
C GLU A 22 -6.41 -17.00 21.35
N ASN A 23 -5.97 -17.39 22.54
CA ASN A 23 -4.84 -16.75 23.21
C ASN A 23 -3.49 -16.94 22.52
N LEU A 24 -3.44 -17.87 21.56
CA LEU A 24 -2.19 -18.16 20.87
C LEU A 24 -1.98 -17.33 19.62
N LEU A 25 -3.03 -16.64 19.17
CA LEU A 25 -2.96 -15.88 17.93
C LEU A 25 -1.94 -14.76 18.00
N LYS A 26 -1.74 -14.20 19.19
CA LYS A 26 -0.64 -13.26 19.44
C LYS A 26 0.13 -13.57 20.71
N ALA A 27 1.46 -13.63 20.57
CA ALA A 27 2.35 -13.90 21.70
C ALA A 27 2.38 -12.73 22.67
N ASP A 28 2.01 -11.56 22.15
CA ASP A 28 2.00 -10.31 22.92
C ASP A 28 1.24 -10.39 24.24
N THR A 29 0.22 -11.25 24.27
CA THR A 29 -0.79 -11.21 25.32
C THR A 29 -0.37 -11.68 26.70
N TYR A 30 0.59 -12.60 26.77
CA TYR A 30 0.93 -13.24 28.04
C TYR A 30 -0.26 -14.08 28.49
N ARG A 31 -1.09 -14.45 27.52
CA ARG A 31 -2.22 -15.34 27.76
C ARG A 31 -1.98 -16.73 27.21
N LYS A 32 -2.52 -17.73 27.90
CA LYS A 32 -2.19 -19.13 27.66
C LYS A 32 -3.30 -19.93 27.00
N TRP A 33 -2.92 -21.05 26.39
CA TRP A 33 -3.90 -22.02 25.96
C TRP A 33 -3.73 -23.30 26.78
N ARG A 34 -4.83 -23.76 27.38
CA ARG A 34 -4.81 -24.96 28.20
C ARG A 34 -6.01 -25.86 27.92
N ALA A 35 -5.86 -27.13 28.29
CA ALA A 35 -6.91 -28.12 28.09
C ALA A 35 -8.11 -27.83 28.98
N ALA A 36 -9.30 -28.18 28.49
CA ALA A 36 -10.50 -27.94 29.25
C ALA A 36 -10.40 -28.72 30.54
N LYS A 37 -9.70 -29.84 30.47
CA LYS A 37 -9.62 -30.76 31.60
C LYS A 37 -8.25 -31.38 31.82
N ALA A 38 -8.01 -31.76 33.08
CA ALA A 38 -6.83 -32.53 33.43
C ALA A 38 -7.01 -33.94 32.89
N GLY A 39 -5.91 -34.58 32.54
CA GLY A 39 -5.95 -35.97 32.16
C GLY A 39 -6.20 -36.31 30.70
N GLU A 40 -6.27 -35.30 29.83
CA GLU A 40 -6.29 -35.54 28.38
C GLU A 40 -4.86 -35.78 27.90
N LYS A 41 -4.58 -36.98 27.39
CA LYS A 41 -3.20 -37.34 27.09
C LYS A 41 -2.57 -36.45 26.03
N THR A 42 -3.39 -35.98 25.10
CA THR A 42 -2.92 -35.01 24.09
C THR A 42 -4.04 -34.05 23.69
N ILE A 43 -3.66 -32.87 23.23
CA ILE A 43 -4.60 -31.84 22.81
C ILE A 43 -4.05 -31.13 21.58
N SER A 44 -4.92 -30.40 20.86
CA SER A 44 -4.57 -29.90 19.54
C SER A 44 -5.28 -28.60 19.15
N VAL A 45 -4.60 -27.77 18.35
CA VAL A 45 -5.20 -26.59 17.74
C VAL A 45 -4.66 -26.37 16.34
N VAL A 46 -5.53 -25.98 15.43
CA VAL A 46 -5.11 -25.54 14.12
C VAL A 46 -5.30 -24.03 14.03
N LEU A 47 -4.23 -23.33 13.68
CA LEU A 47 -4.27 -21.88 13.51
C LEU A 47 -4.18 -21.50 12.04
N GLN A 48 -5.01 -20.54 11.63
CA GLN A 48 -4.99 -20.02 10.26
C GLN A 48 -4.11 -18.78 10.16
N LEU A 49 -3.10 -18.82 9.29
CA LEU A 49 -2.28 -17.64 9.00
C LEU A 49 -3.04 -16.63 8.15
N GLU A 50 -2.70 -15.36 8.26
CA GLU A 50 -3.38 -14.32 7.49
C GLU A 50 -3.12 -14.50 6.00
N LYS A 51 -1.90 -14.91 5.68
CA LYS A 51 -1.52 -15.22 4.30
C LYS A 51 -0.67 -16.47 4.27
N GLU A 52 -0.54 -17.06 3.10
CA GLU A 52 0.33 -18.22 2.94
C GLU A 52 1.77 -17.74 3.07
N GLU A 53 2.56 -18.45 3.87
CA GLU A 53 3.92 -18.02 4.12
C GLU A 53 4.86 -19.19 4.35
N GLN A 54 6.15 -18.93 4.19
CA GLN A 54 7.19 -19.89 4.53
C GLN A 54 7.67 -19.69 5.97
N ILE A 55 7.74 -20.76 6.73
CA ILE A 55 8.16 -20.67 8.13
C ILE A 55 9.66 -20.92 8.30
N HIS A 56 10.32 -19.95 8.93
CA HIS A 56 11.76 -19.96 9.12
C HIS A 56 12.15 -20.50 10.51
N SER A 57 11.37 -20.09 11.50
CA SER A 57 11.66 -20.37 12.90
C SER A 57 10.37 -20.50 13.70
N VAL A 58 10.47 -21.21 14.82
CA VAL A 58 9.32 -21.46 15.69
C VAL A 58 9.72 -21.38 17.16
N ASP A 59 9.12 -20.44 17.90
CA ASP A 59 9.33 -20.38 19.33
C ASP A 59 8.13 -20.99 20.01
N ILE A 60 8.37 -21.80 21.03
CA ILE A 60 7.31 -22.45 21.77
C ILE A 60 7.52 -22.11 23.24
N GLY A 61 6.50 -21.54 23.85
CA GLY A 61 6.50 -21.31 25.28
C GLY A 61 5.63 -22.37 25.93
N ASN A 62 6.26 -23.30 26.61
CA ASN A 62 5.52 -24.42 27.20
C ASN A 62 4.59 -24.00 28.34
N ASP A 63 3.71 -24.91 28.74
CA ASP A 63 2.84 -24.70 29.89
C ASP A 63 2.25 -26.02 30.38
N GLY A 64 3.13 -26.94 30.73
CA GLY A 64 2.72 -28.18 31.37
C GLY A 64 2.78 -29.39 30.46
N SER A 65 3.10 -29.16 29.18
CA SER A 65 3.22 -30.27 28.24
C SER A 65 4.60 -30.94 28.32
N ALA A 66 4.65 -32.22 28.01
CA ALA A 66 5.91 -32.97 27.98
C ALA A 66 6.50 -32.98 26.57
N PHE A 67 5.61 -33.03 25.57
CA PHE A 67 6.00 -33.04 24.16
C PHE A 67 5.17 -32.05 23.37
N VAL A 68 5.78 -31.47 22.35
CA VAL A 68 5.07 -30.59 21.42
C VAL A 68 5.47 -30.91 19.98
N GLU A 69 4.47 -30.99 19.11
CA GLU A 69 4.69 -31.23 17.69
C GLU A 69 4.00 -30.14 16.90
N VAL A 70 4.63 -29.73 15.82
CA VAL A 70 4.05 -28.74 14.94
C VAL A 70 3.99 -29.32 13.54
N LEU A 71 2.80 -29.29 12.97
CA LEU A 71 2.59 -29.71 11.59
C LEU A 71 2.03 -28.54 10.80
N VAL A 72 2.22 -28.60 9.48
CA VAL A 72 1.84 -27.50 8.61
C VAL A 72 0.92 -28.02 7.52
N GLY A 73 -0.03 -27.19 7.10
CA GLY A 73 -1.00 -27.61 6.12
C GLY A 73 -1.53 -26.45 5.32
N SER A 74 -2.51 -26.74 4.46
CA SER A 74 -3.08 -25.72 3.62
C SER A 74 -4.59 -25.71 3.82
N SER A 75 -5.19 -24.53 3.72
CA SER A 75 -6.65 -24.42 3.80
C SER A 75 -7.23 -24.80 2.46
N ALA A 76 -6.38 -24.78 1.44
CA ALA A 76 -6.78 -25.09 0.06
C ALA A 76 -7.04 -26.58 -0.14
N GLY A 77 -8.18 -26.89 -0.75
CA GLY A 77 -8.58 -28.27 -0.95
C GLY A 77 -8.87 -28.94 0.37
N GLY A 78 -9.33 -28.15 1.34
CA GLY A 78 -9.58 -28.65 2.68
C GLY A 78 -8.29 -29.06 3.37
N ALA A 79 -8.40 -29.66 4.55
CA ALA A 79 -7.24 -30.14 5.28
C ALA A 79 -7.60 -31.38 6.06
N GLY A 80 -7.06 -32.52 5.63
CA GLY A 80 -7.33 -33.79 6.28
C GLY A 80 -6.31 -34.17 7.33
N GLU A 81 -6.55 -35.31 7.97
CA GLU A 81 -5.58 -35.87 8.91
C GLU A 81 -4.27 -36.13 8.19
N GLN A 82 -4.35 -36.90 7.10
CA GLN A 82 -3.19 -37.21 6.27
C GLN A 82 -2.78 -36.02 5.40
N ASP A 83 -3.25 -34.83 5.75
CA ASP A 83 -3.00 -33.62 4.96
C ASP A 83 -1.91 -32.72 5.56
N TYR A 84 -1.74 -32.78 6.88
CA TYR A 84 -0.69 -32.02 7.55
C TYR A 84 0.68 -32.68 7.44
N GLU A 85 1.66 -31.88 7.00
CA GLU A 85 3.06 -32.26 6.96
C GLU A 85 3.64 -31.97 8.33
N VAL A 86 4.62 -32.74 8.77
CA VAL A 86 5.28 -32.37 10.02
C VAL A 86 6.35 -31.30 9.73
N LEU A 87 6.32 -30.19 10.44
CA LEU A 87 7.36 -29.17 10.32
C LEU A 87 8.40 -29.28 11.46
N LEU A 88 7.91 -29.36 12.70
CA LEU A 88 8.76 -29.62 13.84
C LEU A 88 8.42 -30.94 14.47
N VAL A 89 9.31 -31.90 14.36
CA VAL A 89 9.09 -33.24 14.92
C VAL A 89 8.88 -33.18 16.44
N THR A 90 8.17 -34.16 17.00
CA THR A 90 7.88 -34.17 18.43
C THR A 90 9.10 -33.77 19.24
N SER A 91 9.01 -32.65 19.94
CA SER A 91 10.14 -32.16 20.74
C SER A 91 9.80 -32.15 22.23
N SER A 92 10.80 -32.50 23.04
CA SER A 92 10.60 -32.60 24.48
C SER A 92 10.75 -31.26 25.21
N PHE A 93 9.90 -31.03 26.21
CA PHE A 93 9.89 -29.78 26.96
C PHE A 93 9.90 -30.08 28.44
N MET A 94 9.69 -31.35 28.76
CA MET A 94 9.46 -31.75 30.14
C MET A 94 9.76 -33.25 30.25
N SER A 95 10.44 -33.62 31.33
CA SER A 95 10.74 -35.02 31.59
C SER A 95 9.57 -35.68 32.31
N PRO A 96 9.61 -37.01 32.41
CA PRO A 96 8.60 -37.73 33.19
C PRO A 96 8.57 -37.28 34.64
N SER A 97 9.75 -37.18 35.25
CA SER A 97 9.89 -36.76 36.64
C SER A 97 9.31 -35.37 36.86
N GLU A 98 9.70 -34.46 35.99
CA GLU A 98 9.22 -33.08 36.02
C GLU A 98 7.73 -33.05 35.78
N SER A 99 7.30 -33.81 34.78
CA SER A 99 5.89 -33.91 34.44
C SER A 99 5.06 -34.39 35.64
N ARG A 100 5.59 -35.37 36.36
CA ARG A 100 4.94 -35.93 37.55
C ARG A 100 4.89 -34.94 38.71
N SER A 101 5.97 -34.19 38.90
CA SER A 101 6.05 -33.23 40.01
C SER A 101 5.59 -31.81 39.64
N GLY A 102 5.48 -31.55 38.35
CA GLY A 102 5.11 -30.23 37.84
C GLY A 102 6.25 -29.24 37.80
N SER A 103 7.50 -29.73 37.79
CA SER A 103 8.68 -28.87 37.75
C SER A 103 9.02 -28.41 36.33
N ASN A 104 9.39 -27.14 36.19
CA ASN A 104 9.75 -26.59 34.89
C ASN A 104 8.69 -26.82 33.83
N PRO A 105 7.47 -26.34 34.06
CA PRO A 105 6.40 -26.48 33.07
C PRO A 105 6.44 -25.37 32.03
N ASN A 106 7.23 -24.33 32.29
CA ASN A 106 7.16 -23.09 31.51
C ASN A 106 8.34 -22.86 30.58
N ARG A 107 9.12 -23.90 30.39
CA ARG A 107 10.27 -23.87 29.49
C ARG A 107 9.93 -23.38 28.07
N VAL A 108 10.66 -22.38 27.60
CA VAL A 108 10.51 -21.91 26.22
C VAL A 108 11.69 -22.33 25.34
N ARG A 109 11.37 -22.85 24.16
CA ARG A 109 12.38 -23.38 23.26
C ARG A 109 12.20 -22.83 21.87
N MET A 110 13.32 -22.40 21.29
CA MET A 110 13.36 -21.85 19.95
C MET A 110 13.86 -22.89 18.93
N PHE A 111 13.21 -22.94 17.78
CA PHE A 111 13.56 -23.91 16.74
C PHE A 111 13.80 -23.20 15.40
N GLY A 112 15.07 -23.07 15.04
CA GLY A 112 15.47 -22.41 13.82
C GLY A 112 15.35 -23.33 12.63
N PRO A 113 15.79 -22.86 11.45
CA PRO A 113 15.63 -23.57 10.17
C PRO A 113 16.26 -24.95 10.18
N ASP A 114 17.31 -25.13 10.99
CA ASP A 114 18.07 -26.37 11.07
C ASP A 114 17.39 -27.46 11.93
N LYS A 115 16.51 -27.06 12.84
CA LYS A 115 15.82 -28.00 13.72
C LYS A 115 14.42 -28.39 13.21
N LEU A 116 14.00 -27.74 12.12
CA LEU A 116 12.76 -28.09 11.47
C LEU A 116 13.04 -29.11 10.36
N VAL A 117 12.03 -29.88 9.98
CA VAL A 117 12.17 -30.76 8.82
C VAL A 117 12.16 -29.92 7.53
N ARG A 118 13.17 -30.11 6.69
CA ARG A 118 13.40 -29.20 5.58
C ARG A 118 12.53 -29.43 4.35
N ALA A 119 11.97 -30.63 4.22
CA ALA A 119 11.02 -30.88 3.15
C ALA A 119 9.78 -30.00 3.35
N ALA A 120 9.23 -30.07 4.56
CA ALA A 120 8.09 -29.22 4.92
C ALA A 120 8.50 -27.75 5.04
N ALA A 121 9.68 -27.49 5.61
CA ALA A 121 10.14 -26.13 5.85
C ALA A 121 10.49 -25.39 4.55
N GLU A 122 10.59 -26.14 3.46
CA GLU A 122 10.91 -25.58 2.17
C GLU A 122 9.72 -24.88 1.52
N LYS A 123 8.53 -25.39 1.83
CA LYS A 123 7.28 -24.92 1.21
C LYS A 123 6.53 -23.81 1.98
N ARG A 124 5.49 -23.27 1.34
CA ARG A 124 4.64 -22.24 1.95
C ARG A 124 3.31 -22.83 2.43
N TRP A 125 2.83 -22.32 3.57
CA TRP A 125 1.60 -22.83 4.16
C TRP A 125 0.75 -21.69 4.71
N ASP A 126 -0.51 -21.98 5.04
CA ASP A 126 -1.38 -20.99 5.67
C ASP A 126 -2.14 -21.60 6.84
N ARG A 127 -1.85 -22.85 7.14
CA ARG A 127 -2.44 -23.54 8.27
C ARG A 127 -1.31 -24.10 9.16
N VAL A 128 -1.56 -24.13 10.47
CA VAL A 128 -0.55 -24.61 11.41
C VAL A 128 -1.21 -25.42 12.52
N LYS A 129 -0.80 -26.68 12.63
CA LYS A 129 -1.32 -27.57 13.65
C LYS A 129 -0.30 -27.78 14.77
N ILE A 130 -0.71 -27.49 16.00
CA ILE A 130 0.13 -27.74 17.15
C ILE A 130 -0.45 -28.84 18.03
N VAL A 131 0.31 -29.90 18.24
CA VAL A 131 -0.11 -31.00 19.10
C VAL A 131 0.73 -31.06 20.38
N CYS A 132 0.06 -31.04 21.53
CA CYS A 132 0.71 -31.13 22.84
C CYS A 132 0.38 -32.43 23.56
N SER A 133 1.38 -33.05 24.18
CA SER A 133 1.16 -34.29 24.91
C SER A 133 1.65 -34.19 26.35
N GLN A 134 0.97 -34.91 27.25
CA GLN A 134 1.42 -35.05 28.61
C GLN A 134 0.99 -36.43 29.13
N PRO A 135 1.77 -37.47 28.82
CA PRO A 135 1.52 -38.88 29.16
C PRO A 135 2.00 -39.23 30.56
N TYR A 136 2.82 -38.38 31.16
CA TYR A 136 3.45 -38.70 32.44
C TYR A 136 2.68 -38.21 33.67
N SER A 137 1.67 -37.38 33.44
CA SER A 137 0.88 -36.83 34.53
C SER A 137 -0.52 -36.47 34.07
N LYS A 138 -1.52 -36.99 34.78
CA LYS A 138 -2.91 -36.68 34.48
C LYS A 138 -3.51 -35.78 35.57
N ASP A 139 -2.63 -35.23 36.40
CA ASP A 139 -3.00 -34.40 37.55
C ASP A 139 -3.51 -33.00 37.21
N SER A 140 -3.08 -32.45 36.09
CA SER A 140 -3.37 -31.05 35.77
C SER A 140 -3.63 -30.82 34.29
N PRO A 141 -4.40 -29.76 34.00
CA PRO A 141 -4.50 -29.25 32.62
C PRO A 141 -3.14 -28.77 32.17
N PHE A 142 -2.87 -28.89 30.88
CA PHE A 142 -1.58 -28.51 30.32
C PHE A 142 -1.84 -27.86 28.98
N GLY A 143 -0.80 -27.22 28.43
CA GLY A 143 -0.91 -26.60 27.11
C GLY A 143 0.32 -25.79 26.75
N LEU A 144 0.08 -24.63 26.15
CA LEU A 144 1.17 -23.74 25.76
C LEU A 144 0.94 -22.38 26.37
N SER A 145 2.04 -21.64 26.58
CA SER A 145 1.98 -20.26 27.01
C SER A 145 1.89 -19.37 25.80
N PHE A 146 2.71 -19.64 24.80
CA PHE A 146 2.62 -18.92 23.54
C PHE A 146 3.26 -19.69 22.39
N VAL A 147 3.14 -19.14 21.19
CA VAL A 147 3.81 -19.70 20.03
C VAL A 147 4.06 -18.58 19.03
N ARG A 148 5.30 -18.51 18.53
CA ARG A 148 5.69 -17.52 17.54
C ARG A 148 6.29 -18.17 16.31
N PHE A 149 5.70 -17.87 15.16
CA PHE A 149 6.24 -18.27 13.89
C PHE A 149 6.87 -17.06 13.21
N HIS A 150 7.95 -17.28 12.47
CA HIS A 150 8.67 -16.22 11.79
C HIS A 150 8.91 -16.67 10.38
N SER A 151 8.72 -15.74 9.45
CA SER A 151 9.05 -15.99 8.05
C SER A 151 10.54 -15.73 7.82
N PRO A 152 11.09 -16.20 6.69
CA PRO A 152 12.48 -15.91 6.35
C PRO A 152 12.75 -14.41 6.29
N PRO A 153 13.96 -14.00 6.71
CA PRO A 153 14.40 -12.59 6.75
C PRO A 153 14.81 -12.07 5.36
N PRO B 2 20.89 7.51 20.16
CA PRO B 2 21.26 8.26 21.37
C PRO B 2 20.05 8.45 22.29
N GLU B 3 20.24 8.25 23.59
CA GLU B 3 19.15 8.45 24.54
C GLU B 3 18.71 9.91 24.50
N ILE B 4 17.40 10.10 24.44
CA ILE B 4 16.81 11.44 24.48
C ILE B 4 16.71 11.92 25.94
N ARG B 5 17.07 13.19 26.15
CA ARG B 5 17.06 13.80 27.46
C ARG B 5 15.74 14.50 27.77
N LEU B 6 15.22 14.28 28.97
CA LEU B 6 13.92 14.82 29.38
C LEU B 6 14.10 15.97 30.35
N ARG B 7 13.48 17.10 30.03
CA ARG B 7 13.64 18.34 30.78
C ARG B 7 12.82 18.35 32.07
N HIS B 8 11.51 18.25 31.95
CA HIS B 8 10.64 18.30 33.11
C HIS B 8 9.30 17.60 32.87
N VAL B 9 8.53 17.43 33.94
CA VAL B 9 7.19 16.85 33.90
C VAL B 9 6.17 17.96 33.70
N VAL B 10 5.44 17.88 32.58
CA VAL B 10 4.46 18.92 32.24
C VAL B 10 3.14 18.77 33.01
N SER B 11 2.70 17.52 33.18
CA SER B 11 1.49 17.24 33.93
C SER B 11 1.56 15.79 34.38
N CYS B 12 0.73 15.46 35.36
CA CYS B 12 0.65 14.10 35.84
C CYS B 12 -0.72 13.94 36.46
N SER B 13 -1.45 12.90 36.03
CA SER B 13 -2.82 12.67 36.51
C SER B 13 -2.86 12.14 37.97
N SER B 14 -1.78 11.51 38.40
CA SER B 14 -1.73 10.93 39.73
C SER B 14 -0.32 10.45 40.02
N GLN B 15 0.17 10.76 41.21
CA GLN B 15 1.52 10.36 41.59
C GLN B 15 1.67 10.27 43.09
N ASP B 16 2.62 9.45 43.51
CA ASP B 16 2.93 9.18 44.92
C ASP B 16 3.90 10.24 45.43
N SER B 17 4.03 10.35 46.76
CA SER B 17 4.96 11.33 47.33
C SER B 17 6.41 10.91 47.16
N THR B 18 6.64 9.60 47.18
CA THR B 18 7.97 9.06 46.93
C THR B 18 8.15 8.63 45.47
N HIS B 19 7.19 7.87 44.95
CA HIS B 19 7.21 7.43 43.56
C HIS B 19 6.46 8.45 42.71
N CYS B 20 7.10 9.60 42.51
CA CYS B 20 6.52 10.67 41.74
C CYS B 20 6.99 10.69 40.28
N ALA B 21 6.25 11.43 39.44
CA ALA B 21 6.54 11.54 38.01
C ALA B 21 7.98 11.96 37.70
N GLU B 22 8.54 12.83 38.54
CA GLU B 22 9.88 13.36 38.32
C GLU B 22 10.92 12.25 38.20
N ASN B 23 10.61 11.09 38.77
CA ASN B 23 11.52 9.95 38.76
C ASN B 23 11.75 9.36 37.35
N LEU B 24 10.90 9.73 36.40
CA LEU B 24 10.95 9.17 35.04
C LEU B 24 11.86 9.95 34.11
N LEU B 25 12.27 11.14 34.53
CA LEU B 25 13.08 12.02 33.71
C LEU B 25 14.45 11.40 33.40
N LYS B 26 14.96 10.60 34.31
CA LYS B 26 16.14 9.79 34.02
C LYS B 26 15.99 8.34 34.47
N ALA B 27 16.29 7.42 33.55
CA ALA B 27 16.23 5.98 33.81
C ALA B 27 17.33 5.55 34.77
N ASP B 28 18.37 6.36 34.85
CA ASP B 28 19.52 6.13 35.72
C ASP B 28 19.17 5.86 37.19
N THR B 29 18.06 6.45 37.65
CA THR B 29 17.77 6.55 39.07
C THR B 29 17.36 5.28 39.80
N TYR B 30 16.72 4.36 39.08
CA TYR B 30 16.16 3.17 39.71
C TYR B 30 15.04 3.61 40.62
N ARG B 31 14.51 4.79 40.32
CA ARG B 31 13.33 5.35 40.99
C ARG B 31 12.07 5.25 40.14
N LYS B 32 10.94 5.02 40.81
CA LYS B 32 9.68 4.69 40.16
C LYS B 32 8.64 5.82 40.14
N TRP B 33 7.71 5.72 39.20
CA TRP B 33 6.51 6.53 39.24
C TRP B 33 5.29 5.67 39.51
N ARG B 34 4.53 6.04 40.54
CA ARG B 34 3.36 5.28 40.92
C ARG B 34 2.18 6.18 41.24
N ALA B 35 0.97 5.62 41.15
CA ALA B 35 -0.25 6.36 41.40
C ALA B 35 -0.34 6.77 42.87
N ALA B 36 -0.95 7.91 43.14
CA ALA B 36 -1.10 8.37 44.51
C ALA B 36 -1.86 7.31 45.29
N LYS B 37 -2.77 6.62 44.60
CA LYS B 37 -3.69 5.69 45.24
C LYS B 37 -3.95 4.41 44.45
N ALA B 38 -4.27 3.36 45.21
CA ALA B 38 -4.73 2.12 44.65
C ALA B 38 -6.10 2.34 44.01
N GLY B 39 -6.40 1.61 42.95
CA GLY B 39 -7.73 1.63 42.39
C GLY B 39 -8.03 2.68 41.33
N GLU B 40 -7.04 3.46 40.91
CA GLU B 40 -7.23 4.34 39.76
C GLU B 40 -7.05 3.51 38.49
N LYS B 41 -8.10 3.40 37.67
CA LYS B 41 -8.04 2.50 36.51
C LYS B 41 -6.96 2.86 35.51
N THR B 42 -6.67 4.15 35.37
CA THR B 42 -5.58 4.62 34.52
C THR B 42 -4.98 5.89 35.10
N ILE B 43 -3.73 6.16 34.73
CA ILE B 43 -2.98 7.32 35.21
C ILE B 43 -2.08 7.81 34.06
N SER B 44 -1.59 9.04 34.17
CA SER B 44 -0.93 9.68 33.03
C SER B 44 0.17 10.68 33.43
N VAL B 45 1.19 10.83 32.58
CA VAL B 45 2.17 11.91 32.73
C VAL B 45 2.59 12.42 31.38
N VAL B 46 2.78 13.73 31.28
CA VAL B 46 3.36 14.34 30.09
C VAL B 46 4.76 14.83 30.41
N LEU B 47 5.74 14.35 29.65
CA LEU B 47 7.11 14.75 29.86
C LEU B 47 7.56 15.68 28.75
N GLN B 48 8.30 16.72 29.11
CA GLN B 48 8.87 17.65 28.14
C GLN B 48 10.31 17.25 27.80
N LEU B 49 10.59 17.06 26.51
CA LEU B 49 11.96 16.82 26.06
C LEU B 49 12.78 18.12 26.11
N GLU B 50 14.10 18.01 26.21
CA GLU B 50 14.94 19.20 26.24
C GLU B 50 14.91 19.93 24.91
N LYS B 51 14.85 19.16 23.82
CA LYS B 51 14.74 19.71 22.47
C LYS B 51 13.78 18.84 21.66
N GLU B 52 13.29 19.38 20.55
CA GLU B 52 12.42 18.61 19.69
C GLU B 52 13.24 17.53 19.00
N GLU B 53 12.73 16.31 19.00
CA GLU B 53 13.50 15.19 18.48
C GLU B 53 12.62 14.13 17.86
N GLN B 54 13.24 13.32 17.00
CA GLN B 54 12.59 12.14 16.44
C GLN B 54 12.87 10.90 17.31
N ILE B 55 11.79 10.17 17.62
CA ILE B 55 11.90 8.99 18.47
C ILE B 55 12.04 7.70 17.65
N HIS B 56 13.12 6.97 17.93
CA HIS B 56 13.49 5.78 17.20
C HIS B 56 13.03 4.53 17.95
N SER B 57 13.14 4.58 19.27
CA SER B 57 12.90 3.42 20.09
C SER B 57 12.37 3.84 21.46
N VAL B 58 11.67 2.93 22.13
CA VAL B 58 11.11 3.20 23.45
C VAL B 58 11.25 1.98 24.35
N ASP B 59 11.93 2.14 25.47
CA ASP B 59 11.98 1.10 26.48
C ASP B 59 11.04 1.44 27.62
N ILE B 60 10.29 0.45 28.08
CA ILE B 60 9.34 0.65 29.15
C ILE B 60 9.62 -0.37 30.23
N GLY B 61 9.88 0.13 31.44
CA GLY B 61 10.05 -0.74 32.58
C GLY B 61 8.76 -0.69 33.38
N ASN B 62 8.01 -1.79 33.37
CA ASN B 62 6.72 -1.78 34.03
C ASN B 62 6.81 -1.74 35.55
N ASP B 63 5.67 -1.53 36.19
CA ASP B 63 5.61 -1.54 37.64
C ASP B 63 4.17 -1.66 38.11
N GLY B 64 3.49 -2.71 37.67
CA GLY B 64 2.14 -3.00 38.13
C GLY B 64 1.03 -2.70 37.15
N SER B 65 1.40 -2.10 36.03
CA SER B 65 0.42 -1.77 34.99
C SER B 65 0.12 -2.98 34.11
N ALA B 66 -1.09 -3.03 33.57
CA ALA B 66 -1.49 -4.08 32.64
C ALA B 66 -1.26 -3.64 31.20
N PHE B 67 -1.51 -2.36 30.96
CA PHE B 67 -1.34 -1.74 29.63
C PHE B 67 -0.54 -0.45 29.74
N VAL B 68 0.21 -0.15 28.68
CA VAL B 68 0.92 1.13 28.59
C VAL B 68 0.79 1.68 27.17
N GLU B 69 0.50 2.97 27.08
CA GLU B 69 0.37 3.63 25.78
C GLU B 69 1.25 4.86 25.77
N VAL B 70 1.89 5.12 24.65
CA VAL B 70 2.74 6.30 24.53
C VAL B 70 2.25 7.14 23.37
N LEU B 71 1.94 8.41 23.66
CA LEU B 71 1.56 9.38 22.65
C LEU B 71 2.60 10.49 22.58
N VAL B 72 2.63 11.18 21.45
CA VAL B 72 3.61 12.23 21.22
C VAL B 72 2.91 13.53 20.84
N GLY B 73 3.48 14.65 21.27
CA GLY B 73 2.86 15.93 21.05
C GLY B 73 3.89 17.04 20.99
N SER B 74 3.39 18.26 20.83
CA SER B 74 4.25 19.42 20.73
C SER B 74 3.85 20.40 21.82
N SER B 75 4.83 21.13 22.35
CA SER B 75 4.54 22.20 23.29
C SER B 75 4.11 23.45 22.53
N ALA B 76 4.38 23.45 21.22
CA ALA B 76 4.04 24.58 20.34
C ALA B 76 2.55 24.62 20.02
N GLY B 77 1.94 25.80 20.17
CA GLY B 77 0.51 25.96 19.97
C GLY B 77 -0.28 25.24 21.05
N GLY B 78 0.31 25.12 22.23
CA GLY B 78 -0.28 24.37 23.31
C GLY B 78 -0.35 22.89 22.97
N ALA B 79 -1.01 22.12 23.83
CA ALA B 79 -1.20 20.70 23.60
C ALA B 79 -2.55 20.22 24.16
N GLY B 80 -3.46 19.89 23.26
CA GLY B 80 -4.79 19.47 23.65
C GLY B 80 -4.93 17.96 23.79
N GLU B 81 -6.13 17.53 24.18
CA GLU B 81 -6.45 16.12 24.22
C GLU B 81 -6.30 15.53 22.81
N GLN B 82 -7.01 16.16 21.86
CA GLN B 82 -6.95 15.75 20.47
C GLN B 82 -5.66 16.20 19.79
N ASP B 83 -4.66 16.55 20.59
CA ASP B 83 -3.40 17.08 20.08
C ASP B 83 -2.29 16.03 20.06
N TYR B 84 -2.36 15.07 20.97
CA TYR B 84 -1.37 14.00 21.03
C TYR B 84 -1.60 12.92 19.99
N GLU B 85 -0.54 12.61 19.24
CA GLU B 85 -0.52 11.50 18.29
C GLU B 85 -0.14 10.27 19.06
N VAL B 86 -0.66 9.11 18.67
CA VAL B 86 -0.19 7.87 19.29
C VAL B 86 1.13 7.43 18.62
N LEU B 87 2.16 7.21 19.43
CA LEU B 87 3.43 6.68 18.92
C LEU B 87 3.54 5.18 19.16
N LEU B 88 3.31 4.76 20.40
CA LEU B 88 3.20 3.34 20.72
C LEU B 88 1.78 2.97 21.14
N VAL B 89 1.10 2.19 20.29
CA VAL B 89 -0.25 1.76 20.58
C VAL B 89 -0.31 0.95 21.89
N THR B 90 -1.46 0.97 22.55
CA THR B 90 -1.61 0.27 23.83
C THR B 90 -0.94 -1.09 23.78
N SER B 91 0.09 -1.27 24.60
CA SER B 91 0.81 -2.54 24.65
C SER B 91 0.67 -3.22 26.01
N SER B 92 0.57 -4.54 25.98
CA SER B 92 0.35 -5.34 27.20
C SER B 92 1.66 -5.65 27.95
N PHE B 93 1.58 -5.60 29.27
CA PHE B 93 2.76 -5.87 30.09
C PHE B 93 2.40 -6.90 31.17
N MET B 94 1.11 -7.16 31.31
CA MET B 94 0.60 -7.95 32.41
C MET B 94 -0.76 -8.49 32.02
N SER B 95 -0.99 -9.76 32.33
CA SER B 95 -2.28 -10.38 32.07
C SER B 95 -3.26 -10.07 33.19
N PRO B 96 -4.55 -10.38 32.97
CA PRO B 96 -5.54 -10.26 34.05
C PRO B 96 -5.16 -11.09 35.28
N SER B 97 -4.75 -12.34 35.06
CA SER B 97 -4.43 -13.26 36.15
C SER B 97 -3.26 -12.72 36.95
N GLU B 98 -2.23 -12.29 36.22
CA GLU B 98 -1.05 -11.72 36.84
C GLU B 98 -1.42 -10.44 37.57
N SER B 99 -2.19 -9.60 36.89
CA SER B 99 -2.65 -8.35 37.46
C SER B 99 -3.38 -8.59 38.77
N ARG B 100 -4.23 -9.61 38.80
CA ARG B 100 -4.99 -9.99 39.99
C ARG B 100 -4.12 -10.50 41.13
N SER B 101 -3.10 -11.29 40.79
CA SER B 101 -2.23 -11.89 41.78
C SER B 101 -0.97 -11.09 42.04
N GLY B 102 -0.66 -10.14 41.16
CA GLY B 102 0.52 -9.32 41.32
C GLY B 102 1.80 -9.96 40.78
N SER B 103 1.65 -10.94 39.89
CA SER B 103 2.79 -11.66 39.33
C SER B 103 3.39 -10.93 38.12
N ASN B 104 4.72 -10.87 38.07
CA ASN B 104 5.43 -10.23 36.97
C ASN B 104 4.97 -8.79 36.73
N PRO B 105 5.10 -7.93 37.76
CA PRO B 105 4.70 -6.53 37.61
C PRO B 105 5.80 -5.69 36.96
N ASN B 106 7.01 -6.25 36.90
CA ASN B 106 8.22 -5.48 36.62
C ASN B 106 8.81 -5.74 35.24
N ARG B 107 8.05 -6.44 34.42
CA ARG B 107 8.45 -6.75 33.05
C ARG B 107 8.87 -5.51 32.27
N VAL B 108 10.04 -5.58 31.65
CA VAL B 108 10.51 -4.50 30.77
C VAL B 108 10.46 -4.88 29.30
N ARG B 109 9.92 -3.99 28.48
CA ARG B 109 9.73 -4.26 27.07
C ARG B 109 10.28 -3.15 26.19
N MET B 110 10.96 -3.55 25.13
CA MET B 110 11.59 -2.62 24.22
C MET B 110 10.78 -2.54 22.92
N PHE B 111 10.63 -1.33 22.39
CA PHE B 111 9.82 -1.11 21.20
C PHE B 111 10.63 -0.33 20.17
N GLY B 112 11.16 -1.06 19.18
CA GLY B 112 11.93 -0.49 18.09
C GLY B 112 11.07 0.23 17.06
N PRO B 113 11.70 0.74 15.98
CA PRO B 113 11.04 1.57 14.95
C PRO B 113 9.86 0.84 14.30
N ASP B 114 9.95 -0.49 14.25
CA ASP B 114 8.93 -1.34 13.61
C ASP B 114 7.69 -1.57 14.48
N LYS B 115 7.81 -1.38 15.79
CA LYS B 115 6.69 -1.60 16.70
C LYS B 115 5.95 -0.29 17.02
N LEU B 116 6.52 0.83 16.60
CA LEU B 116 5.88 2.12 16.76
C LEU B 116 5.05 2.45 15.53
N VAL B 117 4.04 3.31 15.68
CA VAL B 117 3.27 3.75 14.52
C VAL B 117 4.11 4.73 13.71
N ARG B 118 4.23 4.46 12.42
CA ARG B 118 5.23 5.16 11.61
C ARG B 118 4.83 6.54 11.11
N ALA B 119 3.54 6.84 11.12
CA ALA B 119 3.09 8.20 10.82
C ALA B 119 3.59 9.15 11.90
N ALA B 120 3.36 8.77 13.15
CA ALA B 120 3.83 9.54 14.29
C ALA B 120 5.33 9.42 14.46
N ALA B 121 5.87 8.22 14.23
CA ALA B 121 7.30 7.97 14.41
C ALA B 121 8.16 8.68 13.36
N GLU B 122 7.50 9.18 12.32
CA GLU B 122 8.21 9.84 11.23
C GLU B 122 8.59 11.27 11.59
N LYS B 123 7.76 11.89 12.42
CA LYS B 123 7.90 13.30 12.79
C LYS B 123 8.75 13.56 14.05
N ARG B 124 9.01 14.84 14.33
CA ARG B 124 9.74 15.27 15.52
C ARG B 124 8.79 15.86 16.56
N TRP B 125 9.10 15.62 17.83
CA TRP B 125 8.25 16.09 18.93
C TRP B 125 9.09 16.56 20.10
N ASP B 126 8.45 17.25 21.05
CA ASP B 126 9.14 17.70 22.26
C ASP B 126 8.30 17.45 23.49
N ARG B 127 7.15 16.81 23.30
CA ARG B 127 6.30 16.38 24.40
C ARG B 127 6.04 14.88 24.28
N VAL B 128 5.84 14.23 25.42
CA VAL B 128 5.62 12.79 25.44
C VAL B 128 4.62 12.45 26.53
N LYS B 129 3.51 11.83 26.13
CA LYS B 129 2.47 11.40 27.07
C LYS B 129 2.49 9.88 27.23
N ILE B 130 2.62 9.44 28.47
CA ILE B 130 2.54 8.02 28.80
C ILE B 130 1.28 7.70 29.62
N VAL B 131 0.43 6.82 29.08
CA VAL B 131 -0.79 6.41 29.79
C VAL B 131 -0.68 4.96 30.26
N CYS B 132 -0.89 4.76 31.56
CA CYS B 132 -0.87 3.42 32.18
C CYS B 132 -2.25 2.97 32.67
N SER B 133 -2.59 1.71 32.40
CA SER B 133 -3.88 1.18 32.84
C SER B 133 -3.72 -0.07 33.69
N GLN B 134 -4.62 -0.24 34.65
CA GLN B 134 -4.71 -1.48 35.40
C GLN B 134 -6.18 -1.73 35.77
N PRO B 135 -6.93 -2.32 34.83
CA PRO B 135 -8.37 -2.60 34.95
C PRO B 135 -8.66 -3.91 35.67
N TYR B 136 -7.64 -4.76 35.82
CA TYR B 136 -7.85 -6.10 36.37
C TYR B 136 -7.62 -6.20 37.88
N SER B 137 -7.05 -5.16 38.48
CA SER B 137 -6.83 -5.18 39.92
C SER B 137 -6.84 -3.77 40.49
N LYS B 138 -7.62 -3.57 41.54
CA LYS B 138 -7.70 -2.26 42.20
C LYS B 138 -7.05 -2.33 43.59
N ASP B 139 -6.30 -3.41 43.79
CA ASP B 139 -5.70 -3.70 45.09
C ASP B 139 -4.48 -2.85 45.42
N SER B 140 -3.77 -2.39 44.39
CA SER B 140 -2.49 -1.72 44.62
C SER B 140 -2.29 -0.53 43.70
N PRO B 141 -1.42 0.41 44.13
CA PRO B 141 -0.89 1.44 43.23
C PRO B 141 -0.02 0.80 42.16
N PHE B 142 -0.02 1.38 40.98
CA PHE B 142 0.71 0.82 39.86
C PHE B 142 1.34 1.99 39.11
N GLY B 143 2.30 1.69 38.23
CA GLY B 143 2.93 2.71 37.43
C GLY B 143 4.01 2.15 36.53
N LEU B 144 5.09 2.90 36.40
CA LEU B 144 6.27 2.48 35.63
C LEU B 144 7.49 2.52 36.51
N SER B 145 8.46 1.70 36.18
CA SER B 145 9.74 1.73 36.85
C SER B 145 10.64 2.74 36.17
N PHE B 146 10.64 2.72 34.84
CA PHE B 146 11.38 3.71 34.06
C PHE B 146 10.88 3.80 32.61
N VAL B 147 11.42 4.76 31.88
CA VAL B 147 11.10 4.88 30.47
C VAL B 147 12.27 5.54 29.77
N ARG B 148 12.68 4.95 28.64
CA ARG B 148 13.81 5.45 27.88
C ARG B 148 13.45 5.67 26.44
N PHE B 149 13.65 6.89 25.97
CA PHE B 149 13.45 7.23 24.58
C PHE B 149 14.79 7.41 23.91
N HIS B 150 14.88 7.03 22.64
CA HIS B 150 16.15 7.10 21.92
C HIS B 150 15.84 7.75 20.61
N SER B 151 16.76 8.62 20.18
CA SER B 151 16.65 9.23 18.86
C SER B 151 17.31 8.30 17.84
N PRO B 152 17.07 8.53 16.54
CA PRO B 152 17.73 7.74 15.51
C PRO B 152 19.24 7.85 15.60
N PRO B 153 19.95 6.77 15.28
CA PRO B 153 21.41 6.65 15.35
C PRO B 153 22.13 7.30 14.16
N PRO C 2 -8.93 2.26 -1.93
CA PRO C 2 -10.06 3.11 -2.32
C PRO C 2 -9.59 4.44 -2.90
N GLU C 3 -10.19 4.86 -4.01
CA GLU C 3 -9.84 6.13 -4.61
C GLU C 3 -10.15 7.28 -3.66
N ILE C 4 -9.16 8.16 -3.47
CA ILE C 4 -9.34 9.35 -2.65
C ILE C 4 -10.13 10.45 -3.41
N ARG C 5 -11.08 11.06 -2.72
CA ARG C 5 -11.92 12.11 -3.31
C ARG C 5 -11.30 13.48 -3.12
N LEU C 6 -11.31 14.30 -4.17
CA LEU C 6 -10.73 15.63 -4.14
C LEU C 6 -11.82 16.70 -4.11
N ARG C 7 -11.72 17.61 -3.15
CA ARG C 7 -12.77 18.59 -2.91
C ARG C 7 -12.68 19.77 -3.88
N HIS C 8 -11.56 20.47 -3.88
CA HIS C 8 -11.41 21.63 -4.74
C HIS C 8 -9.94 21.94 -5.07
N VAL C 9 -9.73 22.89 -5.99
CA VAL C 9 -8.39 23.37 -6.35
C VAL C 9 -8.03 24.54 -5.45
N VAL C 10 -6.97 24.39 -4.68
CA VAL C 10 -6.54 25.45 -3.74
C VAL C 10 -5.78 26.58 -4.45
N SER C 11 -4.92 26.21 -5.39
CA SER C 11 -4.13 27.16 -6.14
C SER C 11 -3.72 26.50 -7.44
N CYS C 12 -3.33 27.32 -8.41
CA CYS C 12 -2.87 26.84 -9.69
C CYS C 12 -1.96 27.91 -10.27
N SER C 13 -0.74 27.53 -10.64
CA SER C 13 0.24 28.48 -11.19
C SER C 13 -0.08 28.92 -12.62
N SER C 14 -0.80 28.07 -13.34
CA SER C 14 -1.15 28.37 -14.71
C SER C 14 -2.15 27.36 -15.20
N GLN C 15 -3.19 27.84 -15.90
CA GLN C 15 -4.21 26.95 -16.45
C GLN C 15 -4.91 27.53 -17.67
N ASP C 16 -5.45 26.64 -18.50
CA ASP C 16 -6.14 26.99 -19.72
C ASP C 16 -7.61 27.24 -19.41
N SER C 17 -8.31 27.92 -20.32
CA SER C 17 -9.71 28.25 -20.10
C SER C 17 -10.57 26.99 -20.23
N THR C 18 -10.15 26.10 -21.12
CA THR C 18 -10.84 24.82 -21.28
C THR C 18 -10.16 23.74 -20.44
N HIS C 19 -8.85 23.60 -20.58
CA HIS C 19 -8.09 22.62 -19.81
C HIS C 19 -7.62 23.25 -18.52
N CYS C 20 -8.55 23.41 -17.59
CA CYS C 20 -8.30 24.04 -16.30
C CYS C 20 -8.03 23.03 -15.20
N ALA C 21 -7.46 23.51 -14.11
CA ALA C 21 -7.11 22.67 -12.96
C ALA C 21 -8.29 21.88 -12.38
N GLU C 22 -9.42 22.56 -12.27
CA GLU C 22 -10.64 21.89 -11.92
C GLU C 22 -10.71 20.45 -12.45
N ASN C 23 -10.40 20.29 -13.74
CA ASN C 23 -10.54 19.02 -14.45
C ASN C 23 -9.86 17.82 -13.80
N LEU C 24 -8.99 18.08 -12.83
CA LEU C 24 -8.21 17.02 -12.18
C LEU C 24 -8.91 16.45 -10.95
N LEU C 25 -9.97 17.10 -10.50
CA LEU C 25 -10.64 16.68 -9.28
C LEU C 25 -11.28 15.32 -9.43
N LYS C 26 -11.70 14.99 -10.64
CA LYS C 26 -12.13 13.62 -10.96
C LYS C 26 -11.53 13.07 -12.25
N ALA C 27 -10.93 11.88 -12.16
CA ALA C 27 -10.34 11.21 -13.30
C ALA C 27 -11.41 10.75 -14.29
N ASP C 28 -12.63 10.62 -13.78
CA ASP C 28 -13.77 10.17 -14.58
C ASP C 28 -13.98 10.96 -15.86
N THR C 29 -13.58 12.23 -15.84
CA THR C 29 -14.02 13.19 -16.85
C THR C 29 -13.41 13.06 -18.24
N TYR C 30 -12.18 12.54 -18.31
CA TYR C 30 -11.45 12.52 -19.57
C TYR C 30 -11.15 13.95 -19.99
N ARG C 31 -11.16 14.84 -18.98
CA ARG C 31 -10.78 16.23 -19.16
C ARG C 31 -9.40 16.54 -18.59
N LYS C 32 -8.70 17.45 -19.26
CA LYS C 32 -7.30 17.70 -18.97
C LYS C 32 -7.00 18.99 -18.23
N TRP C 33 -5.83 19.05 -17.60
CA TRP C 33 -5.29 20.31 -17.13
C TRP C 33 -4.07 20.71 -17.95
N ARG C 34 -4.08 21.92 -18.48
CA ARG C 34 -2.95 22.41 -19.26
C ARG C 34 -2.60 23.86 -18.92
N ALA C 35 -1.38 24.25 -19.26
CA ALA C 35 -0.88 25.59 -18.99
C ALA C 35 -1.61 26.61 -19.84
N ALA C 36 -1.74 27.82 -19.32
CA ALA C 36 -2.43 28.87 -20.03
C ALA C 36 -1.67 29.15 -21.31
N LYS C 37 -0.37 28.93 -21.26
CA LYS C 37 0.52 29.28 -22.37
C LYS C 37 1.63 28.28 -22.62
N ALA C 38 2.08 28.26 -23.87
CA ALA C 38 3.25 27.49 -24.26
C ALA C 38 4.47 28.18 -23.68
N GLY C 39 5.51 27.40 -23.38
CA GLY C 39 6.77 27.97 -22.94
C GLY C 39 6.95 28.24 -21.45
N GLU C 40 5.99 27.87 -20.61
CA GLU C 40 6.19 27.91 -19.16
C GLU C 40 6.96 26.68 -18.73
N LYS C 41 8.17 26.88 -18.19
CA LYS C 41 9.04 25.74 -17.92
C LYS C 41 8.46 24.77 -16.90
N THR C 42 7.70 25.33 -15.96
N THR C 42 7.66 25.31 -15.98
CA THR C 42 7.05 24.55 -14.90
CA THR C 42 7.08 24.50 -14.92
C THR C 42 5.68 25.13 -14.60
C THR C 42 5.75 25.12 -14.45
N ILE C 43 4.78 24.27 -14.14
CA ILE C 43 3.44 24.72 -13.73
C ILE C 43 2.97 23.88 -12.55
N SER C 44 1.96 24.35 -11.83
CA SER C 44 1.63 23.76 -10.53
C SER C 44 0.13 23.88 -10.14
N VAL C 45 -0.34 22.91 -9.37
CA VAL C 45 -1.68 22.97 -8.76
C VAL C 45 -1.66 22.33 -7.38
N VAL C 46 -2.40 22.93 -6.47
CA VAL C 46 -2.62 22.33 -5.17
C VAL C 46 -4.09 21.91 -5.09
N LEU C 47 -4.32 20.63 -4.83
CA LEU C 47 -5.68 20.10 -4.68
C LEU C 47 -5.98 19.80 -3.22
N GLN C 48 -7.19 20.15 -2.80
CA GLN C 48 -7.67 19.87 -1.45
C GLN C 48 -8.47 18.56 -1.42
N LEU C 49 -8.06 17.64 -0.55
CA LEU C 49 -8.81 16.40 -0.35
C LEU C 49 -10.05 16.66 0.49
N GLU C 50 -11.08 15.84 0.34
CA GLU C 50 -12.30 16.02 1.11
C GLU C 50 -12.05 15.78 2.58
N LYS C 51 -11.20 14.81 2.89
CA LYS C 51 -10.78 14.53 4.26
C LYS C 51 -9.29 14.23 4.27
N GLU C 52 -8.69 14.30 5.46
CA GLU C 52 -7.28 13.92 5.63
C GLU C 52 -7.15 12.43 5.43
N GLU C 53 -6.17 12.01 4.64
CA GLU C 53 -6.03 10.60 4.28
C GLU C 53 -4.58 10.21 4.01
N GLN C 54 -4.32 8.91 4.14
CA GLN C 54 -3.03 8.33 3.81
C GLN C 54 -3.02 7.88 2.35
N ILE C 55 -1.99 8.28 1.60
CA ILE C 55 -1.90 7.95 0.19
C ILE C 55 -1.09 6.67 -0.03
N HIS C 56 -1.73 5.71 -0.69
CA HIS C 56 -1.14 4.40 -0.92
C HIS C 56 -0.49 4.35 -2.31
N SER C 57 -1.17 4.96 -3.28
CA SER C 57 -0.79 4.85 -4.67
C SER C 57 -1.15 6.11 -5.42
N VAL C 58 -0.46 6.36 -6.53
CA VAL C 58 -0.69 7.55 -7.35
C VAL C 58 -0.59 7.17 -8.83
N ASP C 59 -1.66 7.40 -9.57
CA ASP C 59 -1.63 7.25 -11.03
C ASP C 59 -1.54 8.64 -11.67
N ILE C 60 -0.65 8.77 -12.65
CA ILE C 60 -0.47 10.03 -13.35
C ILE C 60 -0.69 9.79 -14.83
N GLY C 61 -1.62 10.54 -15.41
CA GLY C 61 -1.85 10.49 -16.83
C GLY C 61 -1.21 11.72 -17.41
N ASN C 62 -0.10 11.55 -18.13
CA ASN C 62 0.64 12.69 -18.65
C ASN C 62 -0.12 13.42 -19.76
N ASP C 63 0.39 14.58 -20.13
CA ASP C 63 -0.15 15.34 -21.25
C ASP C 63 0.82 16.42 -21.72
N GLY C 64 2.02 16.02 -22.11
CA GLY C 64 3.00 16.95 -22.64
C GLY C 64 4.13 17.32 -21.71
N SER C 65 4.03 16.90 -20.45
CA SER C 65 5.10 17.14 -19.46
C SER C 65 6.24 16.15 -19.61
N ALA C 66 7.45 16.60 -19.27
CA ALA C 66 8.64 15.75 -19.26
C ALA C 66 8.87 15.16 -17.87
N PHE C 67 8.54 15.94 -16.84
CA PHE C 67 8.72 15.52 -15.44
C PHE C 67 7.48 15.85 -14.64
N VAL C 68 7.17 15.01 -13.67
CA VAL C 68 6.06 15.28 -12.75
C VAL C 68 6.49 14.97 -11.32
N GLU C 69 6.19 15.89 -10.41
CA GLU C 69 6.50 15.72 -9.00
C GLU C 69 5.22 15.89 -8.19
N VAL C 70 5.09 15.09 -7.14
CA VAL C 70 3.94 15.20 -6.26
C VAL C 70 4.42 15.42 -4.84
N LEU C 71 3.91 16.48 -4.23
CA LEU C 71 4.21 16.77 -2.83
C LEU C 71 2.92 16.77 -2.04
N VAL C 72 3.03 16.54 -0.74
CA VAL C 72 1.86 16.42 0.14
C VAL C 72 1.97 17.40 1.29
N GLY C 73 0.83 17.96 1.67
CA GLY C 73 0.82 19.01 2.67
C GLY C 73 -0.45 19.01 3.47
N SER C 74 -0.57 19.97 4.38
CA SER C 74 -1.74 20.05 5.25
C SER C 74 -2.34 21.44 5.09
N SER C 75 -3.66 21.53 5.20
CA SER C 75 -4.34 22.82 5.17
C SER C 75 -4.24 23.47 6.55
N ALA C 76 -3.92 22.64 7.53
CA ALA C 76 -3.80 23.07 8.93
C ALA C 76 -2.53 23.89 9.17
N GLY C 77 -2.69 25.03 9.83
CA GLY C 77 -1.58 25.94 10.06
C GLY C 77 -1.07 26.53 8.76
N GLY C 78 -1.97 26.67 7.81
CA GLY C 78 -1.61 27.14 6.48
C GLY C 78 -0.71 26.15 5.77
N ALA C 79 -0.19 26.55 4.62
CA ALA C 79 0.71 25.70 3.85
C ALA C 79 1.72 26.55 3.10
N GLY C 80 2.97 26.49 3.54
CA GLY C 80 4.04 27.26 2.94
C GLY C 80 4.79 26.51 1.85
N GLU C 81 5.75 27.20 1.24
CA GLU C 81 6.65 26.58 0.28
C GLU C 81 7.40 25.45 0.97
N GLN C 82 8.05 25.78 2.08
CA GLN C 82 8.79 24.81 2.87
C GLN C 82 7.85 23.92 3.70
N ASP C 83 6.57 23.89 3.32
CA ASP C 83 5.56 23.16 4.08
C ASP C 83 5.18 21.83 3.42
N TYR C 84 5.34 21.75 2.10
CA TYR C 84 5.03 20.53 1.37
C TYR C 84 6.15 19.51 1.43
N GLU C 85 5.80 18.31 1.85
CA GLU C 85 6.70 17.16 1.84
C GLU C 85 6.66 16.58 0.44
N VAL C 86 7.76 15.99 -0.03
CA VAL C 86 7.69 15.30 -1.32
C VAL C 86 7.13 13.89 -1.09
N LEU C 87 6.10 13.51 -1.84
CA LEU C 87 5.59 12.15 -1.77
C LEU C 87 6.12 11.31 -2.93
N LEU C 88 5.98 11.83 -4.15
CA LEU C 88 6.57 11.22 -5.33
C LEU C 88 7.68 12.08 -5.91
N VAL C 89 8.91 11.61 -5.80
CA VAL C 89 10.07 12.34 -6.31
C VAL C 89 9.96 12.56 -7.83
N THR C 90 10.59 13.61 -8.34
CA THR C 90 10.47 13.96 -9.76
C THR C 90 10.61 12.73 -10.62
N SER C 91 9.53 12.40 -11.34
CA SER C 91 9.50 11.22 -12.19
C SER C 91 9.37 11.57 -13.67
N SER C 92 10.10 10.84 -14.51
CA SER C 92 10.12 11.13 -15.94
C SER C 92 8.94 10.50 -16.68
N PHE C 93 8.39 11.24 -17.64
CA PHE C 93 7.25 10.79 -18.44
C PHE C 93 7.55 10.95 -19.92
N MET C 94 8.64 11.65 -20.20
CA MET C 94 8.94 12.08 -21.56
C MET C 94 10.42 12.38 -21.65
N SER C 95 11.06 11.93 -22.73
CA SER C 95 12.47 12.23 -22.97
C SER C 95 12.61 13.60 -23.63
N PRO C 96 13.86 14.10 -23.72
CA PRO C 96 14.13 15.34 -24.45
C PRO C 96 13.74 15.26 -25.93
N SER C 97 14.07 14.14 -26.57
CA SER C 97 13.76 13.92 -27.97
C SER C 97 12.26 13.91 -28.20
N GLU C 98 11.57 13.17 -27.34
CA GLU C 98 10.11 13.07 -27.41
C GLU C 98 9.49 14.41 -27.11
N SER C 99 9.99 15.05 -26.06
CA SER C 99 9.51 16.37 -25.70
C SER C 99 9.63 17.36 -26.86
N ARG C 100 10.77 17.29 -27.58
CA ARG C 100 11.03 18.16 -28.72
C ARG C 100 10.12 17.88 -29.91
N SER C 101 9.83 16.60 -30.16
CA SER C 101 9.01 16.21 -31.29
C SER C 101 7.54 16.04 -30.95
N GLY C 102 7.24 15.98 -29.65
CA GLY C 102 5.88 15.78 -29.18
C GLY C 102 5.41 14.34 -29.20
N SER C 103 6.36 13.39 -29.18
CA SER C 103 6.04 11.97 -29.21
C SER C 103 5.74 11.41 -27.82
N ASN C 104 4.71 10.57 -27.72
CA ASN C 104 4.35 9.97 -26.45
C ASN C 104 4.13 10.98 -25.35
N PRO C 105 3.19 11.92 -25.55
CA PRO C 105 2.91 12.91 -24.52
C PRO C 105 1.91 12.39 -23.48
N ASN C 106 1.25 11.27 -23.78
CA ASN C 106 0.08 10.83 -23.04
C ASN C 106 0.32 9.61 -22.17
N ARG C 107 1.58 9.27 -22.01
CA ARG C 107 2.01 8.17 -21.15
C ARG C 107 1.43 8.23 -19.73
N VAL C 108 0.80 7.14 -19.31
CA VAL C 108 0.29 7.04 -17.93
C VAL C 108 1.13 6.08 -17.07
N ARG C 109 1.46 6.53 -15.88
CA ARG C 109 2.36 5.79 -15.02
C ARG C 109 1.79 5.69 -13.60
N MET C 110 1.83 4.48 -13.07
CA MET C 110 1.31 4.16 -11.76
C MET C 110 2.46 4.07 -10.75
N PHE C 111 2.25 4.63 -9.55
CA PHE C 111 3.27 4.65 -8.51
C PHE C 111 2.73 4.09 -7.19
N GLY C 112 3.14 2.87 -6.87
CA GLY C 112 2.64 2.18 -5.69
C GLY C 112 3.40 2.60 -4.47
N PRO C 113 3.15 1.94 -3.33
CA PRO C 113 3.74 2.31 -2.04
C PRO C 113 5.26 2.27 -2.06
N ASP C 114 5.83 1.41 -2.90
CA ASP C 114 7.28 1.22 -2.99
C ASP C 114 8.00 2.30 -3.80
N LYS C 115 7.28 3.00 -4.66
CA LYS C 115 7.90 4.04 -5.49
C LYS C 115 7.71 5.44 -4.92
N LEU C 116 6.92 5.54 -3.84
CA LEU C 116 6.74 6.79 -3.13
C LEU C 116 7.78 6.88 -2.00
N VAL C 117 8.08 8.09 -1.54
CA VAL C 117 8.94 8.25 -0.39
C VAL C 117 8.18 7.90 0.88
N ARG C 118 8.74 7.00 1.68
CA ARG C 118 7.97 6.38 2.76
C ARG C 118 7.83 7.19 4.03
N ALA C 119 8.70 8.19 4.20
CA ALA C 119 8.55 9.12 5.30
C ALA C 119 7.26 9.90 5.12
N ALA C 120 7.09 10.47 3.92
CA ALA C 120 5.90 11.22 3.59
C ALA C 120 4.70 10.30 3.41
N ALA C 121 4.93 9.15 2.78
CA ALA C 121 3.87 8.18 2.52
C ALA C 121 3.31 7.53 3.80
N GLU C 122 4.04 7.69 4.91
CA GLU C 122 3.64 7.10 6.17
C GLU C 122 2.51 7.90 6.81
N LYS C 123 2.53 9.21 6.61
CA LYS C 123 1.60 10.14 7.26
C LYS C 123 0.29 10.40 6.51
N ARG C 124 -0.61 11.15 7.14
CA ARG C 124 -1.89 11.52 6.52
C ARG C 124 -1.87 12.99 6.11
N TRP C 125 -2.52 13.30 4.98
CA TRP C 125 -2.53 14.66 4.45
C TRP C 125 -3.91 15.02 3.90
N ASP C 126 -4.12 16.31 3.65
CA ASP C 126 -5.38 16.75 3.04
C ASP C 126 -5.13 17.76 1.91
N ARG C 127 -3.86 17.99 1.62
CA ARG C 127 -3.46 18.84 0.52
C ARG C 127 -2.49 18.06 -0.37
N VAL C 128 -2.53 18.34 -1.68
CA VAL C 128 -1.68 17.64 -2.63
C VAL C 128 -1.20 18.64 -3.67
N LYS C 129 0.13 18.77 -3.79
CA LYS C 129 0.72 19.63 -4.81
C LYS C 129 1.34 18.81 -5.94
N ILE C 130 0.91 19.10 -7.15
CA ILE C 130 1.48 18.48 -8.35
C ILE C 130 2.26 19.49 -9.19
N VAL C 131 3.55 19.20 -9.42
CA VAL C 131 4.41 20.07 -10.22
C VAL C 131 4.80 19.39 -11.53
N CYS C 132 4.53 20.07 -12.65
CA CYS C 132 4.85 19.55 -13.98
C CYS C 132 5.90 20.40 -14.65
N SER C 133 6.87 19.76 -15.31
CA SER C 133 7.94 20.49 -15.99
C SER C 133 8.07 20.06 -17.43
N GLN C 134 8.44 21.00 -18.28
CA GLN C 134 8.78 20.71 -19.67
C GLN C 134 9.87 21.68 -20.13
N PRO C 135 11.14 21.33 -19.83
CA PRO C 135 12.33 22.13 -20.13
C PRO C 135 12.86 21.89 -21.54
N TYR C 136 12.41 20.82 -22.19
CA TYR C 136 12.96 20.43 -23.49
C TYR C 136 12.22 21.01 -24.70
N SER C 137 11.05 21.59 -24.47
CA SER C 137 10.26 22.16 -25.56
C SER C 137 9.36 23.26 -25.04
N LYS C 138 9.41 24.41 -25.70
CA LYS C 138 8.59 25.55 -25.34
C LYS C 138 7.56 25.79 -26.43
N ASP C 139 7.40 24.80 -27.30
CA ASP C 139 6.50 24.90 -28.45
C ASP C 139 5.01 24.78 -28.13
N SER C 140 4.68 24.10 -27.03
CA SER C 140 3.28 23.80 -26.74
C SER C 140 2.94 23.89 -25.26
N PRO C 141 1.66 24.16 -24.96
CA PRO C 141 1.14 24.00 -23.60
C PRO C 141 1.25 22.53 -23.19
N PHE C 142 1.44 22.27 -21.91
CA PHE C 142 1.60 20.92 -21.44
C PHE C 142 0.89 20.82 -20.10
N GLY C 143 0.71 19.61 -19.59
CA GLY C 143 0.10 19.44 -18.29
C GLY C 143 -0.13 17.98 -18.00
N LEU C 144 -1.29 17.68 -17.40
CA LEU C 144 -1.69 16.32 -17.09
C LEU C 144 -3.04 16.03 -17.76
N SER C 145 -3.28 14.75 -18.03
CA SER C 145 -4.57 14.27 -18.46
C SER C 145 -5.46 13.94 -17.25
N PHE C 146 -4.87 13.28 -16.25
CA PHE C 146 -5.59 13.00 -15.02
C PHE C 146 -4.63 12.66 -13.90
N VAL C 147 -5.17 12.49 -12.69
CA VAL C 147 -4.40 12.04 -11.54
C VAL C 147 -5.33 11.35 -10.56
N ARG C 148 -4.89 10.18 -10.10
CA ARG C 148 -5.68 9.39 -9.19
C ARG C 148 -4.86 9.04 -7.97
N PHE C 149 -5.40 9.39 -6.81
CA PHE C 149 -4.82 9.02 -5.53
C PHE C 149 -5.68 7.91 -4.92
N HIS C 150 -5.02 6.98 -4.23
CA HIS C 150 -5.73 5.89 -3.58
C HIS C 150 -5.24 5.77 -2.15
N SER C 151 -6.17 5.53 -1.24
CA SER C 151 -5.83 5.28 0.15
C SER C 151 -5.50 3.80 0.31
N PRO C 152 -4.88 3.44 1.43
CA PRO C 152 -4.58 2.02 1.71
C PRO C 152 -5.86 1.19 1.73
N PRO C 153 -5.77 -0.06 1.24
CA PRO C 153 -6.89 -1.01 1.15
C PRO C 153 -7.21 -1.65 2.51
N PRO D 2 29.76 9.50 -25.40
CA PRO D 2 28.53 9.98 -24.76
C PRO D 2 27.65 8.82 -24.29
N GLU D 3 27.11 8.93 -23.08
CA GLU D 3 26.22 7.91 -22.58
C GLU D 3 24.98 7.80 -23.48
N ILE D 4 24.64 6.56 -23.85
CA ILE D 4 23.44 6.32 -24.63
C ILE D 4 22.22 6.30 -23.72
N ARG D 5 21.14 6.92 -24.20
CA ARG D 5 19.88 7.02 -23.47
C ARG D 5 18.94 5.86 -23.80
N LEU D 6 18.32 5.31 -22.76
CA LEU D 6 17.42 4.17 -22.94
C LEU D 6 15.96 4.59 -22.76
N ARG D 7 15.13 4.24 -23.72
CA ARG D 7 13.75 4.70 -23.75
C ARG D 7 12.87 3.86 -22.83
N HIS D 8 12.80 2.56 -23.09
CA HIS D 8 11.93 1.69 -22.29
C HIS D 8 12.39 0.22 -22.29
N VAL D 9 11.73 -0.58 -21.45
CA VAL D 9 11.96 -2.02 -21.36
C VAL D 9 11.02 -2.76 -22.30
N VAL D 10 11.57 -3.45 -23.29
CA VAL D 10 10.78 -4.14 -24.31
C VAL D 10 10.23 -5.47 -23.81
N SER D 11 11.04 -6.18 -23.04
CA SER D 11 10.66 -7.46 -22.49
C SER D 11 11.58 -7.76 -21.33
N CYS D 12 11.12 -8.63 -20.45
CA CYS D 12 11.91 -9.07 -19.30
C CYS D 12 11.45 -10.45 -18.91
N SER D 13 12.39 -11.39 -18.80
CA SER D 13 12.09 -12.78 -18.46
C SER D 13 11.69 -12.99 -17.00
N SER D 14 12.14 -12.10 -16.13
CA SER D 14 11.85 -12.19 -14.71
C SER D 14 12.29 -10.90 -14.02
N GLN D 15 11.45 -10.38 -13.14
CA GLN D 15 11.79 -9.19 -12.37
C GLN D 15 11.04 -9.10 -11.04
N ASP D 16 11.65 -8.37 -10.11
CA ASP D 16 11.12 -8.15 -8.77
C ASP D 16 10.15 -6.94 -8.76
N SER D 17 9.30 -6.87 -7.75
CA SER D 17 8.33 -5.79 -7.68
C SER D 17 9.03 -4.46 -7.39
N THR D 18 10.10 -4.54 -6.60
CA THR D 18 10.91 -3.37 -6.28
C THR D 18 12.10 -3.27 -7.22
N HIS D 19 12.83 -4.37 -7.35
CA HIS D 19 13.99 -4.41 -8.24
C HIS D 19 13.56 -4.85 -9.63
N CYS D 20 12.87 -3.96 -10.33
CA CYS D 20 12.33 -4.26 -11.64
C CYS D 20 13.25 -3.79 -12.75
N ALA D 21 13.01 -4.28 -13.96
CA ALA D 21 13.79 -3.96 -15.15
C ALA D 21 13.92 -2.45 -15.46
N GLU D 22 12.84 -1.71 -15.24
CA GLU D 22 12.79 -0.26 -15.43
C GLU D 22 14.02 0.41 -14.82
N ASN D 23 14.44 -0.15 -13.70
CA ASN D 23 15.52 0.45 -12.92
C ASN D 23 16.83 0.57 -13.71
N LEU D 24 16.93 -0.15 -14.82
CA LEU D 24 18.15 -0.17 -15.61
C LEU D 24 18.20 0.92 -16.67
N LEU D 25 17.08 1.60 -16.91
CA LEU D 25 17.02 2.60 -17.97
C LEU D 25 17.94 3.78 -17.70
N LYS D 26 18.13 4.09 -16.41
CA LYS D 26 19.14 5.06 -15.99
C LYS D 26 20.05 4.58 -14.84
N ALA D 27 21.35 4.72 -15.04
CA ALA D 27 22.33 4.28 -14.04
C ALA D 27 22.32 5.22 -12.84
N ASP D 28 21.82 6.43 -13.07
CA ASP D 28 21.73 7.46 -12.05
C ASP D 28 21.05 7.01 -10.76
N THR D 29 20.12 6.06 -10.89
CA THR D 29 19.15 5.78 -9.82
C THR D 29 19.70 5.08 -8.57
N TYR D 30 20.74 4.26 -8.74
CA TYR D 30 21.22 3.41 -7.66
C TYR D 30 20.16 2.38 -7.34
N ARG D 31 19.30 2.14 -8.33
CA ARG D 31 18.28 1.12 -8.24
C ARG D 31 18.62 -0.11 -9.08
N LYS D 32 18.20 -1.28 -8.60
CA LYS D 32 18.62 -2.56 -9.15
C LYS D 32 17.55 -3.32 -9.94
N TRP D 33 18.01 -4.23 -10.78
CA TRP D 33 17.10 -5.20 -11.40
C TRP D 33 17.43 -6.59 -10.89
N ARG D 34 16.42 -7.27 -10.40
CA ARG D 34 16.59 -8.60 -9.84
C ARG D 34 15.46 -9.55 -10.26
N ALA D 35 15.74 -10.85 -10.18
CA ALA D 35 14.78 -11.88 -10.57
C ALA D 35 13.62 -11.90 -9.60
N ALA D 36 12.44 -12.24 -10.11
CA ALA D 36 11.26 -12.30 -9.26
C ALA D 36 11.51 -13.31 -8.17
N LYS D 37 12.30 -14.33 -8.50
CA LYS D 37 12.53 -15.45 -7.60
C LYS D 37 13.95 -15.98 -7.56
N ALA D 38 14.30 -16.58 -6.43
CA ALA D 38 15.57 -17.27 -6.28
C ALA D 38 15.49 -18.53 -7.10
N GLY D 39 16.62 -18.98 -7.62
CA GLY D 39 16.67 -20.27 -8.30
C GLY D 39 16.38 -20.29 -9.78
N GLU D 40 16.19 -19.13 -10.41
CA GLU D 40 16.12 -19.06 -11.86
C GLU D 40 17.53 -19.05 -12.44
N LYS D 41 17.90 -20.07 -13.19
CA LYS D 41 19.29 -20.20 -13.60
C LYS D 41 19.77 -19.04 -14.46
N THR D 42 18.86 -18.45 -15.24
CA THR D 42 19.18 -17.29 -16.06
C THR D 42 17.95 -16.39 -16.18
N ILE D 43 18.20 -15.12 -16.46
CA ILE D 43 17.13 -14.12 -16.60
C ILE D 43 17.55 -13.11 -17.65
N SER D 44 16.58 -12.36 -18.18
CA SER D 44 16.81 -11.54 -19.38
C SER D 44 15.95 -10.26 -19.44
N VAL D 45 16.48 -9.22 -20.09
CA VAL D 45 15.74 -8.01 -20.39
C VAL D 45 16.19 -7.45 -21.74
N VAL D 46 15.23 -6.95 -22.49
CA VAL D 46 15.54 -6.22 -23.71
C VAL D 46 15.21 -4.75 -23.44
N LEU D 47 16.19 -3.88 -23.64
CA LEU D 47 15.99 -2.45 -23.51
C LEU D 47 15.98 -1.76 -24.87
N GLN D 48 15.05 -0.82 -25.05
CA GLN D 48 14.95 -0.01 -26.26
C GLN D 48 15.71 1.31 -26.12
N LEU D 49 16.65 1.57 -27.01
CA LEU D 49 17.35 2.86 -27.04
C LEU D 49 16.44 3.93 -27.60
N GLU D 50 16.69 5.17 -27.24
CA GLU D 50 15.88 6.27 -27.77
C GLU D 50 16.07 6.45 -29.28
N LYS D 51 17.29 6.24 -29.74
CA LYS D 51 17.59 6.29 -31.17
C LYS D 51 18.57 5.17 -31.49
N GLU D 52 18.68 4.84 -32.77
CA GLU D 52 19.66 3.85 -33.21
C GLU D 52 21.06 4.42 -33.03
N GLU D 53 21.95 3.65 -32.41
CA GLU D 53 23.29 4.13 -32.10
C GLU D 53 24.34 3.04 -32.15
N GLN D 54 25.60 3.46 -32.33
CA GLN D 54 26.73 2.56 -32.25
C GLN D 54 27.28 2.52 -30.82
N ILE D 55 27.51 1.32 -30.32
CA ILE D 55 27.98 1.14 -28.96
C ILE D 55 29.50 1.00 -28.88
N HIS D 56 30.10 1.88 -28.10
CA HIS D 56 31.55 1.97 -27.97
C HIS D 56 32.02 1.18 -26.74
N SER D 57 31.25 1.30 -25.66
CA SER D 57 31.65 0.76 -24.37
C SER D 57 30.42 0.35 -23.56
N VAL D 58 30.64 -0.55 -22.61
CA VAL D 58 29.57 -1.08 -21.79
C VAL D 58 30.08 -1.26 -20.37
N ASP D 59 29.41 -0.60 -19.41
CA ASP D 59 29.70 -0.82 -18.00
C ASP D 59 28.61 -1.68 -17.42
N ILE D 60 29.00 -2.67 -16.63
CA ILE D 60 28.05 -3.58 -16.01
C ILE D 60 28.27 -3.55 -14.50
N GLY D 61 27.23 -3.20 -13.74
CA GLY D 61 27.31 -3.26 -12.29
C GLY D 61 26.59 -4.52 -11.87
N ASN D 62 27.33 -5.51 -11.38
CA ASN D 62 26.73 -6.80 -11.07
C ASN D 62 25.83 -6.72 -9.85
N ASP D 63 25.09 -7.80 -9.58
CA ASP D 63 24.28 -7.89 -8.39
C ASP D 63 23.84 -9.35 -8.14
N GLY D 64 24.81 -10.25 -8.00
CA GLY D 64 24.54 -11.64 -7.68
C GLY D 64 24.67 -12.61 -8.83
N SER D 65 24.89 -12.10 -10.05
CA SER D 65 25.09 -12.94 -11.22
C SER D 65 26.52 -13.48 -11.30
N ALA D 66 26.66 -14.67 -11.88
CA ALA D 66 27.96 -15.26 -12.15
C ALA D 66 28.46 -14.90 -13.56
N PHE D 67 27.53 -14.82 -14.49
CA PHE D 67 27.85 -14.49 -15.88
C PHE D 67 26.91 -13.43 -16.39
N VAL D 68 27.41 -12.58 -17.30
CA VAL D 68 26.55 -11.62 -17.99
C VAL D 68 26.89 -11.57 -19.48
N GLU D 69 25.85 -11.62 -20.30
CA GLU D 69 26.01 -11.53 -21.75
C GLU D 69 25.15 -10.39 -22.30
N VAL D 70 25.71 -9.67 -23.28
CA VAL D 70 25.00 -8.57 -23.90
C VAL D 70 24.91 -8.80 -25.40
N LEU D 71 23.68 -8.78 -25.91
CA LEU D 71 23.45 -8.93 -27.33
C LEU D 71 22.74 -7.68 -27.82
N VAL D 72 22.87 -7.42 -29.12
CA VAL D 72 22.34 -6.22 -29.73
C VAL D 72 21.39 -6.59 -30.87
N GLY D 73 20.35 -5.79 -31.06
CA GLY D 73 19.35 -6.10 -32.05
C GLY D 73 18.68 -4.85 -32.57
N SER D 74 17.71 -5.03 -33.45
CA SER D 74 16.98 -3.93 -34.05
C SER D 74 15.50 -4.12 -33.77
N SER D 75 14.77 -3.02 -33.61
CA SER D 75 13.33 -3.09 -33.46
C SER D 75 12.70 -3.21 -34.84
N ALA D 76 13.48 -2.88 -35.86
CA ALA D 76 13.03 -2.95 -37.25
C ALA D 76 12.90 -4.38 -37.75
N GLY D 77 11.77 -4.70 -38.37
CA GLY D 77 11.50 -6.05 -38.85
C GLY D 77 11.33 -7.02 -37.69
N GLY D 78 10.85 -6.49 -36.56
CA GLY D 78 10.73 -7.29 -35.35
C GLY D 78 12.09 -7.69 -34.83
N ALA D 79 12.10 -8.53 -33.79
CA ALA D 79 13.35 -9.03 -33.23
C ALA D 79 13.15 -10.46 -32.71
N GLY D 80 13.78 -11.40 -33.40
CA GLY D 80 13.66 -12.81 -33.05
C GLY D 80 14.77 -13.30 -32.14
N GLU D 81 14.68 -14.57 -31.75
CA GLU D 81 15.75 -15.21 -30.99
C GLU D 81 17.03 -15.16 -31.80
N GLN D 82 16.95 -15.67 -33.03
CA GLN D 82 18.08 -15.68 -33.94
C GLN D 82 18.34 -14.30 -34.56
N ASP D 83 17.78 -13.27 -33.93
CA ASP D 83 17.88 -11.91 -34.44
C ASP D 83 18.92 -11.06 -33.70
N TYR D 84 19.16 -11.39 -32.44
CA TYR D 84 20.16 -10.67 -31.65
C TYR D 84 21.58 -11.14 -31.96
N GLU D 85 22.44 -10.17 -32.24
CA GLU D 85 23.88 -10.37 -32.41
C GLU D 85 24.50 -10.32 -31.03
N VAL D 86 25.57 -11.05 -30.79
CA VAL D 86 26.27 -10.91 -29.51
C VAL D 86 27.22 -9.72 -29.60
N LEU D 87 27.11 -8.79 -28.66
CA LEU D 87 28.06 -7.67 -28.62
C LEU D 87 29.15 -7.90 -27.56
N LEU D 88 28.73 -8.26 -26.34
CA LEU D 88 29.65 -8.70 -25.31
C LEU D 88 29.48 -10.18 -24.99
N VAL D 89 30.46 -10.99 -25.37
CA VAL D 89 30.42 -12.42 -25.09
C VAL D 89 30.30 -12.69 -23.57
N THR D 90 29.71 -13.83 -23.22
CA THR D 90 29.52 -14.19 -21.82
C THR D 90 30.74 -13.84 -20.99
N SER D 91 30.59 -12.90 -20.07
CA SER D 91 31.68 -12.49 -19.20
C SER D 91 31.41 -12.82 -17.72
N SER D 92 32.46 -13.25 -17.03
CA SER D 92 32.36 -13.67 -15.64
C SER D 92 32.43 -12.49 -14.66
N PHE D 93 31.61 -12.57 -13.64
CA PHE D 93 31.54 -11.51 -12.63
C PHE D 93 31.66 -12.12 -11.24
N MET D 94 31.60 -13.44 -11.19
CA MET D 94 31.50 -14.15 -9.92
C MET D 94 31.92 -15.60 -10.15
N SER D 95 32.73 -16.12 -9.23
CA SER D 95 33.16 -17.51 -9.30
C SER D 95 32.10 -18.41 -8.67
N PRO D 96 32.26 -19.73 -8.86
CA PRO D 96 31.37 -20.70 -8.21
C PRO D 96 31.40 -20.56 -6.67
N SER D 97 32.59 -20.43 -6.12
CA SER D 97 32.77 -20.34 -4.67
C SER D 97 32.08 -19.12 -4.12
N GLU D 98 32.32 -17.99 -4.79
CA GLU D 98 31.71 -16.71 -4.44
C GLU D 98 30.22 -16.77 -4.60
N SER D 99 29.80 -17.31 -5.75
CA SER D 99 28.38 -17.49 -6.04
C SER D 99 27.70 -18.29 -4.92
N ARG D 100 28.37 -19.34 -4.46
CA ARG D 100 27.84 -20.21 -3.42
C ARG D 100 27.76 -19.51 -2.06
N SER D 101 28.77 -18.72 -1.74
CA SER D 101 28.83 -18.02 -0.46
C SER D 101 28.23 -16.62 -0.50
N GLY D 102 28.03 -16.09 -1.71
CA GLY D 102 27.51 -14.75 -1.91
C GLY D 102 28.55 -13.64 -1.77
N SER D 103 29.82 -13.98 -1.95
CA SER D 103 30.93 -13.02 -1.83
C SER D 103 31.17 -12.24 -3.11
N ASN D 104 31.41 -10.94 -2.99
CA ASN D 104 31.61 -10.08 -4.17
C ASN D 104 30.52 -10.18 -5.22
N PRO D 105 29.27 -9.89 -4.84
CA PRO D 105 28.16 -9.94 -5.79
C PRO D 105 28.04 -8.64 -6.59
N ASN D 106 28.74 -7.61 -6.15
CA ASN D 106 28.51 -6.25 -6.64
C ASN D 106 29.57 -5.71 -7.56
N ARG D 107 30.48 -6.59 -7.97
CA ARG D 107 31.57 -6.28 -8.89
C ARG D 107 31.11 -5.54 -10.15
N VAL D 108 31.73 -4.40 -10.43
CA VAL D 108 31.45 -3.66 -11.65
C VAL D 108 32.61 -3.72 -12.65
N ARG D 109 32.27 -4.00 -13.90
CA ARG D 109 33.26 -4.24 -14.91
C ARG D 109 32.98 -3.42 -16.16
N MET D 110 34.02 -2.77 -16.67
N MET D 110 34.01 -2.74 -16.66
CA MET D 110 33.97 -2.01 -17.90
CA MET D 110 33.94 -1.99 -17.91
C MET D 110 34.28 -2.92 -19.09
C MET D 110 34.26 -2.92 -19.08
N PHE D 111 33.75 -2.58 -20.25
CA PHE D 111 34.09 -3.32 -21.47
C PHE D 111 34.21 -2.35 -22.65
N GLY D 112 35.46 -2.02 -22.99
CA GLY D 112 35.75 -1.06 -24.04
C GLY D 112 35.64 -1.69 -25.40
N PRO D 113 35.96 -0.92 -26.45
CA PRO D 113 35.77 -1.34 -27.86
C PRO D 113 36.51 -2.64 -28.16
N ASP D 114 37.61 -2.87 -27.44
CA ASP D 114 38.49 -4.03 -27.66
C ASP D 114 37.97 -5.33 -27.03
N LYS D 115 37.09 -5.21 -26.04
CA LYS D 115 36.56 -6.39 -25.35
C LYS D 115 35.19 -6.81 -25.91
N LEU D 116 34.63 -5.99 -26.79
CA LEU D 116 33.38 -6.31 -27.45
C LEU D 116 33.70 -7.02 -28.75
N VAL D 117 32.75 -7.78 -29.28
CA VAL D 117 32.94 -8.40 -30.60
C VAL D 117 32.76 -7.33 -31.67
N ARG D 118 33.73 -7.22 -32.57
CA ARG D 118 33.80 -6.07 -33.46
C ARG D 118 32.90 -6.12 -34.69
N ALA D 119 32.44 -7.31 -35.06
CA ALA D 119 31.45 -7.43 -36.12
C ALA D 119 30.15 -6.74 -35.69
N ALA D 120 29.69 -7.08 -34.49
CA ALA D 120 28.50 -6.48 -33.91
C ALA D 120 28.77 -5.04 -33.50
N ALA D 121 29.94 -4.79 -32.92
CA ALA D 121 30.31 -3.46 -32.42
C ALA D 121 30.47 -2.46 -33.54
N GLU D 122 30.59 -2.94 -34.77
CA GLU D 122 30.81 -2.08 -35.93
C GLU D 122 29.51 -1.39 -36.34
N LYS D 123 28.40 -2.07 -36.13
CA LYS D 123 27.08 -1.62 -36.58
C LYS D 123 26.30 -0.75 -35.58
N ARG D 124 25.15 -0.24 -36.03
CA ARG D 124 24.27 0.55 -35.18
C ARG D 124 23.03 -0.24 -34.80
N TRP D 125 22.55 -0.04 -33.58
CA TRP D 125 21.41 -0.79 -33.06
C TRP D 125 20.50 0.11 -32.26
N ASP D 126 19.29 -0.36 -31.96
CA ASP D 126 18.36 0.38 -31.10
C ASP D 126 17.71 -0.53 -30.06
N ARG D 127 18.12 -1.79 -30.04
CA ARG D 127 17.68 -2.75 -29.04
C ARG D 127 18.90 -3.36 -28.36
N VAL D 128 18.74 -3.70 -27.09
CA VAL D 128 19.83 -4.25 -26.30
C VAL D 128 19.32 -5.35 -25.39
N LYS D 129 19.84 -6.57 -25.57
CA LYS D 129 19.47 -7.71 -24.73
C LYS D 129 20.58 -8.06 -23.72
N ILE D 130 20.23 -8.07 -22.44
CA ILE D 130 21.14 -8.46 -21.38
C ILE D 130 20.71 -9.78 -20.73
N VAL D 131 21.58 -10.78 -20.79
CA VAL D 131 21.31 -12.09 -20.19
C VAL D 131 22.22 -12.35 -18.98
N CYS D 132 21.62 -12.63 -17.84
CA CYS D 132 22.35 -12.91 -16.61
C CYS D 132 22.15 -14.35 -16.19
N SER D 133 23.22 -14.99 -15.72
CA SER D 133 23.15 -16.36 -15.27
C SER D 133 23.71 -16.51 -13.88
N GLN D 134 23.14 -17.45 -13.13
CA GLN D 134 23.70 -17.86 -11.84
C GLN D 134 23.43 -19.35 -11.62
N PRO D 135 24.30 -20.20 -12.18
CA PRO D 135 24.21 -21.67 -12.12
C PRO D 135 24.78 -22.26 -10.84
N TYR D 136 25.52 -21.47 -10.07
CA TYR D 136 26.29 -21.98 -8.95
C TYR D 136 25.56 -21.85 -7.61
N SER D 137 24.46 -21.09 -7.61
CA SER D 137 23.69 -20.88 -6.40
C SER D 137 22.24 -20.57 -6.71
N LYS D 138 21.33 -21.32 -6.11
CA LYS D 138 19.90 -21.11 -6.29
C LYS D 138 19.27 -20.53 -5.02
N ASP D 139 20.14 -20.08 -4.12
CA ASP D 139 19.75 -19.58 -2.80
C ASP D 139 19.12 -18.20 -2.81
N SER D 140 19.46 -17.38 -3.81
CA SER D 140 19.01 -15.98 -3.81
C SER D 140 18.63 -15.47 -5.19
N PRO D 141 17.77 -14.44 -5.23
CA PRO D 141 17.54 -13.67 -6.45
C PRO D 141 18.82 -12.96 -6.84
N PHE D 142 19.03 -12.75 -8.13
CA PHE D 142 20.25 -12.14 -8.63
C PHE D 142 19.88 -11.25 -9.80
N GLY D 143 20.80 -10.41 -10.22
CA GLY D 143 20.55 -9.54 -11.36
C GLY D 143 21.71 -8.58 -11.61
N LEU D 144 21.36 -7.34 -11.94
CA LEU D 144 22.33 -6.29 -12.15
C LEU D 144 22.00 -5.11 -11.27
N SER D 145 23.01 -4.34 -10.94
CA SER D 145 22.83 -3.10 -10.20
C SER D 145 22.57 -1.98 -11.20
N PHE D 146 23.38 -1.94 -12.26
CA PHE D 146 23.17 -0.97 -13.34
C PHE D 146 23.83 -1.40 -14.63
N VAL D 147 23.59 -0.64 -15.68
CA VAL D 147 24.25 -0.88 -16.96
C VAL D 147 24.32 0.45 -17.72
N ARG D 148 25.50 0.72 -18.26
CA ARG D 148 25.73 1.95 -19.01
C ARG D 148 26.31 1.64 -20.37
N PHE D 149 25.64 2.14 -21.39
CA PHE D 149 26.12 2.08 -22.75
C PHE D 149 26.62 3.45 -23.18
N HIS D 150 27.68 3.48 -23.97
CA HIS D 150 28.25 4.73 -24.42
C HIS D 150 28.44 4.63 -25.92
N SER D 151 28.14 5.70 -26.62
CA SER D 151 28.39 5.79 -28.05
C SER D 151 29.84 6.25 -28.26
N PRO D 152 30.37 6.12 -29.49
CA PRO D 152 31.71 6.58 -29.79
C PRO D 152 31.85 8.09 -29.58
N PRO D 153 33.03 8.53 -29.11
CA PRO D 153 33.33 9.92 -28.78
C PRO D 153 33.63 10.77 -30.03
N PRO E 2 -15.36 -12.11 -5.76
CA PRO E 2 -14.55 -10.91 -5.51
C PRO E 2 -13.41 -10.79 -6.51
N GLU E 3 -13.18 -9.58 -7.02
CA GLU E 3 -12.10 -9.36 -7.95
C GLU E 3 -10.77 -9.64 -7.26
N ILE E 4 -9.91 -10.39 -7.93
CA ILE E 4 -8.58 -10.70 -7.43
C ILE E 4 -7.63 -9.54 -7.74
N ARG E 5 -6.80 -9.22 -6.77
CA ARG E 5 -5.85 -8.11 -6.89
C ARG E 5 -4.47 -8.54 -7.40
N LEU E 6 -3.93 -7.78 -8.33
CA LEU E 6 -2.66 -8.13 -8.95
C LEU E 6 -1.59 -7.23 -8.44
N ARG E 7 -0.48 -7.83 -8.01
CA ARG E 7 0.62 -7.12 -7.35
C ARG E 7 1.55 -6.46 -8.37
N HIS E 8 2.15 -7.26 -9.24
CA HIS E 8 3.09 -6.72 -10.21
C HIS E 8 3.23 -7.63 -11.44
N VAL E 9 3.96 -7.13 -12.44
CA VAL E 9 4.25 -7.89 -13.66
C VAL E 9 5.54 -8.64 -13.45
N VAL E 10 5.51 -9.97 -13.57
CA VAL E 10 6.70 -10.80 -13.37
C VAL E 10 7.61 -10.85 -14.61
N SER E 11 6.99 -10.90 -15.78
CA SER E 11 7.71 -10.92 -17.04
C SER E 11 6.77 -10.46 -18.12
N CYS E 12 7.33 -10.07 -19.25
CA CYS E 12 6.55 -9.67 -20.40
C CYS E 12 7.41 -9.90 -21.63
N SER E 13 6.86 -10.63 -22.61
CA SER E 13 7.61 -10.95 -23.83
C SER E 13 7.78 -9.75 -24.77
N SER E 14 6.87 -8.78 -24.67
CA SER E 14 6.87 -7.63 -25.55
C SER E 14 5.86 -6.62 -25.05
N GLN E 15 6.26 -5.35 -25.00
CA GLN E 15 5.35 -4.30 -24.58
C GLN E 15 5.70 -2.94 -25.14
N ASP E 16 4.68 -2.09 -25.24
CA ASP E 16 4.79 -0.73 -25.75
C ASP E 16 5.25 0.23 -24.63
N SER E 17 5.76 1.40 -25.01
CA SER E 17 6.22 2.36 -24.01
C SER E 17 5.04 3.00 -23.28
N THR E 18 3.92 3.15 -23.99
CA THR E 18 2.70 3.68 -23.40
C THR E 18 1.77 2.52 -23.00
N HIS E 19 1.53 1.60 -23.93
CA HIS E 19 0.69 0.44 -23.66
C HIS E 19 1.54 -0.70 -23.13
N CYS E 20 1.94 -0.55 -21.89
CA CYS E 20 2.81 -1.51 -21.24
C CYS E 20 2.05 -2.50 -20.37
N ALA E 21 2.71 -3.60 -20.04
CA ALA E 21 2.12 -4.67 -19.21
C ALA E 21 1.53 -4.17 -17.87
N GLU E 22 2.17 -3.18 -17.26
CA GLU E 22 1.74 -2.66 -15.97
C GLU E 22 0.28 -2.21 -16.01
N ASN E 23 -0.19 -1.87 -17.20
CA ASN E 23 -1.58 -1.41 -17.39
C ASN E 23 -2.66 -2.45 -17.10
N LEU E 24 -2.26 -3.71 -17.02
CA LEU E 24 -3.20 -4.80 -16.82
C LEU E 24 -3.44 -5.13 -15.34
N LEU E 25 -2.62 -4.57 -14.46
CA LEU E 25 -2.73 -4.86 -13.03
C LEU E 25 -4.07 -4.41 -12.46
N LYS E 26 -4.63 -3.34 -13.02
CA LYS E 26 -5.98 -2.93 -12.68
C LYS E 26 -6.83 -2.60 -13.92
N ALA E 27 -8.01 -3.21 -13.99
CA ALA E 27 -8.94 -2.99 -15.11
C ALA E 27 -9.54 -1.60 -15.06
N ASP E 28 -9.51 -0.99 -13.87
CA ASP E 28 -10.01 0.36 -13.63
C ASP E 28 -9.49 1.42 -14.61
N THR E 29 -8.27 1.20 -15.10
CA THR E 29 -7.51 2.27 -15.75
C THR E 29 -7.99 2.69 -17.13
N TYR E 30 -8.59 1.77 -17.87
CA TYR E 30 -8.91 2.01 -19.28
C TYR E 30 -7.61 2.16 -20.07
N ARG E 31 -6.53 1.61 -19.50
CA ARG E 31 -5.23 1.55 -20.13
C ARG E 31 -4.91 0.16 -20.67
N LYS E 32 -4.18 0.12 -21.79
CA LYS E 32 -4.01 -1.11 -22.56
C LYS E 32 -2.61 -1.70 -22.48
N TRP E 33 -2.50 -3.00 -22.79
CA TRP E 33 -1.20 -3.60 -23.04
C TRP E 33 -1.08 -3.98 -24.50
N ARG E 34 0.01 -3.56 -25.13
CA ARG E 34 0.24 -3.86 -26.53
C ARG E 34 1.70 -4.23 -26.79
N ALA E 35 1.92 -4.97 -27.87
CA ALA E 35 3.26 -5.37 -28.27
C ALA E 35 4.11 -4.16 -28.62
N ALA E 36 5.41 -4.27 -28.37
CA ALA E 36 6.33 -3.20 -28.71
C ALA E 36 6.27 -2.93 -30.20
N LYS E 37 6.01 -3.99 -30.97
CA LYS E 37 6.06 -3.89 -32.41
C LYS E 37 4.95 -4.66 -33.12
N ALA E 38 4.64 -4.22 -34.33
CA ALA E 38 3.74 -4.94 -35.21
C ALA E 38 4.44 -6.19 -35.69
N GLY E 39 3.68 -7.25 -35.95
CA GLY E 39 4.23 -8.43 -36.59
C GLY E 39 4.84 -9.50 -35.71
N GLU E 40 4.73 -9.35 -34.39
CA GLU E 40 5.06 -10.43 -33.45
C GLU E 40 3.87 -11.41 -33.37
N LYS E 41 4.09 -12.63 -33.81
CA LYS E 41 2.97 -13.56 -33.92
C LYS E 41 2.27 -13.84 -32.60
N THR E 42 3.03 -13.85 -31.51
CA THR E 42 2.46 -13.99 -30.18
C THR E 42 3.27 -13.19 -29.17
N ILE E 43 2.63 -12.85 -28.05
CA ILE E 43 3.25 -12.05 -26.98
C ILE E 43 2.70 -12.54 -25.65
N SER E 44 3.37 -12.18 -24.56
CA SER E 44 3.09 -12.81 -23.26
C SER E 44 3.42 -11.92 -22.04
N VAL E 45 2.64 -12.10 -20.97
CA VAL E 45 2.94 -11.47 -19.68
C VAL E 45 2.59 -12.43 -18.56
N VAL E 46 3.40 -12.40 -17.51
CA VAL E 46 3.09 -13.13 -16.29
C VAL E 46 2.79 -12.09 -15.22
N LEU E 47 1.62 -12.20 -14.61
CA LEU E 47 1.23 -11.31 -13.52
C LEU E 47 1.28 -12.03 -12.17
N GLN E 48 1.78 -11.33 -11.16
CA GLN E 48 1.83 -11.87 -9.81
C GLN E 48 0.62 -11.39 -8.99
N LEU E 49 -0.15 -12.33 -8.45
CA LEU E 49 -1.27 -11.99 -7.57
C LEU E 49 -0.73 -11.56 -6.20
N GLU E 50 -1.51 -10.77 -5.47
CA GLU E 50 -1.07 -10.31 -4.15
C GLU E 50 -1.01 -11.47 -3.17
N LYS E 51 -1.96 -12.38 -3.29
CA LYS E 51 -1.97 -13.60 -2.51
C LYS E 51 -2.36 -14.79 -3.38
N GLU E 52 -2.09 -15.99 -2.90
CA GLU E 52 -2.48 -17.19 -3.61
C GLU E 52 -4.00 -17.31 -3.54
N GLU E 53 -4.63 -17.53 -4.69
CA GLU E 53 -6.08 -17.57 -4.74
C GLU E 53 -6.61 -18.55 -5.77
N GLN E 54 -7.87 -18.95 -5.58
CA GLN E 54 -8.59 -19.76 -6.55
C GLN E 54 -9.36 -18.86 -7.54
N ILE E 55 -9.18 -19.14 -8.83
CA ILE E 55 -9.83 -18.34 -9.86
C ILE E 55 -11.18 -18.94 -10.31
N HIS E 56 -12.22 -18.13 -10.20
CA HIS E 56 -13.58 -18.53 -10.48
C HIS E 56 -13.99 -18.13 -11.89
N SER E 57 -13.55 -16.94 -12.28
CA SER E 57 -13.96 -16.37 -13.55
C SER E 57 -12.86 -15.47 -14.15
N VAL E 58 -12.90 -15.30 -15.46
CA VAL E 58 -11.90 -14.48 -16.15
C VAL E 58 -12.55 -13.64 -17.25
N ASP E 59 -12.42 -12.31 -17.14
CA ASP E 59 -12.87 -11.41 -18.19
C ASP E 59 -11.68 -10.94 -18.99
N ILE E 60 -11.82 -10.96 -20.31
CA ILE E 60 -10.75 -10.54 -21.18
C ILE E 60 -11.32 -9.45 -22.07
N GLY E 61 -10.68 -8.29 -22.06
CA GLY E 61 -11.01 -7.25 -23.03
C GLY E 61 -9.96 -7.26 -24.11
N ASN E 62 -10.37 -7.60 -25.32
CA ASN E 62 -9.40 -7.75 -26.40
C ASN E 62 -8.88 -6.42 -26.91
N ASP E 63 -7.84 -6.48 -27.73
CA ASP E 63 -7.29 -5.28 -28.35
C ASP E 63 -6.39 -5.65 -29.55
N GLY E 64 -6.96 -6.37 -30.52
CA GLY E 64 -6.24 -6.72 -31.72
C GLY E 64 -5.76 -8.16 -31.85
N SER E 65 -5.88 -8.91 -30.77
CA SER E 65 -5.48 -10.32 -30.77
C SER E 65 -6.54 -11.20 -31.43
N ALA E 66 -6.12 -12.31 -32.01
CA ALA E 66 -7.03 -13.27 -32.60
C ALA E 66 -7.35 -14.37 -31.60
N PHE E 67 -6.35 -14.72 -30.79
CA PHE E 67 -6.46 -15.77 -29.78
C PHE E 67 -5.88 -15.32 -28.45
N VAL E 68 -6.48 -15.78 -27.37
CA VAL E 68 -5.95 -15.52 -26.04
C VAL E 68 -5.99 -16.80 -25.20
N GLU E 69 -4.88 -17.06 -24.51
CA GLU E 69 -4.75 -18.21 -23.64
C GLU E 69 -4.33 -17.74 -22.25
N VAL E 70 -4.87 -18.37 -21.23
CA VAL E 70 -4.52 -18.06 -19.85
C VAL E 70 -4.04 -19.32 -19.15
N LEU E 71 -2.83 -19.23 -18.59
CA LEU E 71 -2.26 -20.32 -17.83
C LEU E 71 -2.03 -19.83 -16.42
N VAL E 72 -1.98 -20.77 -15.47
CA VAL E 72 -1.81 -20.44 -14.07
C VAL E 72 -0.58 -21.17 -13.53
N GLY E 73 0.11 -20.52 -12.58
CA GLY E 73 1.31 -21.09 -12.02
C GLY E 73 1.55 -20.62 -10.60
N SER E 74 2.67 -21.02 -10.05
CA SER E 74 3.02 -20.65 -8.69
C SER E 74 4.39 -19.97 -8.69
N SER E 75 4.58 -19.02 -7.79
CA SER E 75 5.87 -18.38 -7.66
C SER E 75 6.79 -19.26 -6.80
N ALA E 76 6.17 -20.23 -6.11
CA ALA E 76 6.88 -21.17 -5.25
C ALA E 76 7.64 -22.23 -6.05
N GLY E 77 8.90 -22.44 -5.70
CA GLY E 77 9.77 -23.36 -6.42
C GLY E 77 10.03 -22.87 -7.84
N GLY E 78 10.05 -21.55 -8.01
CA GLY E 78 10.22 -20.94 -9.32
C GLY E 78 9.03 -21.25 -10.22
N ALA E 79 9.12 -20.85 -11.48
CA ALA E 79 8.08 -21.14 -12.44
C ALA E 79 8.68 -21.37 -13.83
N GLY E 80 8.61 -22.61 -14.29
CA GLY E 80 9.19 -22.98 -15.57
C GLY E 80 8.19 -22.92 -16.71
N GLU E 81 8.67 -23.20 -17.91
CA GLU E 81 7.81 -23.33 -19.07
C GLU E 81 6.79 -24.44 -18.81
N GLN E 82 7.30 -25.62 -18.48
CA GLN E 82 6.46 -26.77 -18.18
C GLN E 82 5.84 -26.67 -16.78
N ASP E 83 5.83 -25.46 -16.23
CA ASP E 83 5.33 -25.22 -14.87
C ASP E 83 3.92 -24.61 -14.84
N TYR E 84 3.56 -23.89 -15.91
CA TYR E 84 2.22 -23.29 -16.01
C TYR E 84 1.16 -24.28 -16.49
N GLU E 85 0.07 -24.36 -15.71
CA GLU E 85 -1.09 -25.16 -16.06
C GLU E 85 -1.94 -24.28 -16.95
N VAL E 86 -2.69 -24.87 -17.88
CA VAL E 86 -3.65 -24.08 -18.66
C VAL E 86 -4.94 -23.95 -17.87
N LEU E 87 -5.40 -22.71 -17.67
CA LEU E 87 -6.66 -22.47 -16.99
C LEU E 87 -7.77 -22.20 -18.01
N LEU E 88 -7.52 -21.27 -18.92
CA LEU E 88 -8.41 -21.02 -20.04
C LEU E 88 -7.74 -21.41 -21.36
N VAL E 89 -8.22 -22.49 -21.97
CA VAL E 89 -7.69 -22.95 -23.24
C VAL E 89 -7.80 -21.86 -24.31
N THR E 90 -6.90 -21.91 -25.31
CA THR E 90 -6.89 -20.92 -26.38
C THR E 90 -8.30 -20.56 -26.82
N SER E 91 -8.70 -19.32 -26.58
CA SER E 91 -10.04 -18.85 -26.98
C SER E 91 -9.98 -17.75 -28.04
N SER E 92 -10.91 -17.81 -28.99
CA SER E 92 -10.92 -16.92 -30.15
C SER E 92 -11.62 -15.61 -29.81
N PHE E 93 -11.10 -14.50 -30.35
CA PHE E 93 -11.62 -13.16 -30.09
C PHE E 93 -11.78 -12.42 -31.40
N MET E 94 -11.27 -13.02 -32.48
CA MET E 94 -11.15 -12.33 -33.75
C MET E 94 -10.94 -13.38 -34.82
N SER E 95 -11.65 -13.21 -35.95
CA SER E 95 -11.52 -14.12 -37.08
C SER E 95 -10.33 -13.69 -37.94
N PRO E 96 -9.91 -14.56 -38.89
CA PRO E 96 -8.88 -14.18 -39.88
C PRO E 96 -9.26 -12.93 -40.67
N SER E 97 -10.51 -12.88 -41.14
CA SER E 97 -11.00 -11.76 -41.96
C SER E 97 -10.97 -10.47 -41.15
N GLU E 98 -11.46 -10.56 -39.92
CA GLU E 98 -11.48 -9.41 -39.02
C GLU E 98 -10.06 -9.00 -38.66
N SER E 99 -9.22 -10.00 -38.38
CA SER E 99 -7.82 -9.77 -38.04
C SER E 99 -7.10 -9.06 -39.18
N ARG E 100 -7.40 -9.48 -40.41
CA ARG E 100 -6.82 -8.86 -41.59
C ARG E 100 -7.29 -7.42 -41.82
N SER E 101 -8.57 -7.16 -41.58
CA SER E 101 -9.16 -5.84 -41.82
C SER E 101 -9.17 -4.94 -40.60
N GLY E 102 -8.93 -5.54 -39.43
CA GLY E 102 -8.93 -4.83 -38.16
C GLY E 102 -10.31 -4.59 -37.57
N SER E 103 -11.28 -5.40 -37.98
CA SER E 103 -12.66 -5.25 -37.51
C SER E 103 -12.88 -5.95 -36.17
N ASN E 104 -13.60 -5.30 -35.26
CA ASN E 104 -13.90 -5.88 -33.96
C ASN E 104 -12.69 -6.35 -33.21
N PRO E 105 -11.73 -5.43 -32.94
CA PRO E 105 -10.51 -5.78 -32.21
C PRO E 105 -10.71 -5.68 -30.71
N ASN E 106 -11.84 -5.11 -30.29
CA ASN E 106 -12.06 -4.74 -28.90
C ASN E 106 -13.07 -5.58 -28.17
N ARG E 107 -13.45 -6.69 -28.79
CA ARG E 107 -14.37 -7.64 -28.22
C ARG E 107 -13.98 -8.12 -26.81
N VAL E 108 -14.90 -7.99 -25.86
CA VAL E 108 -14.70 -8.50 -24.50
C VAL E 108 -15.50 -9.75 -24.20
N ARG E 109 -14.82 -10.75 -23.63
CA ARG E 109 -15.41 -12.05 -23.40
C ARG E 109 -15.20 -12.52 -21.97
N MET E 110 -16.27 -13.01 -21.37
CA MET E 110 -16.26 -13.49 -20.00
C MET E 110 -16.22 -15.03 -19.97
N PHE E 111 -15.42 -15.58 -19.06
CA PHE E 111 -15.23 -17.03 -18.98
C PHE E 111 -15.44 -17.49 -17.54
N GLY E 112 -16.62 -18.08 -17.30
CA GLY E 112 -17.02 -18.54 -15.98
C GLY E 112 -16.40 -19.89 -15.66
N PRO E 113 -16.75 -20.45 -14.50
CA PRO E 113 -16.14 -21.68 -13.99
C PRO E 113 -16.27 -22.84 -14.98
N ASP E 114 -17.36 -22.83 -15.76
CA ASP E 114 -17.66 -23.91 -16.71
C ASP E 114 -16.81 -23.85 -17.98
N LYS E 115 -16.26 -22.68 -18.30
CA LYS E 115 -15.47 -22.50 -19.53
C LYS E 115 -13.97 -22.64 -19.27
N LEU E 116 -13.60 -22.71 -18.00
CA LEU E 116 -12.22 -22.92 -17.61
C LEU E 116 -11.97 -24.41 -17.46
N VAL E 117 -10.70 -24.83 -17.55
CA VAL E 117 -10.37 -26.23 -17.32
C VAL E 117 -10.41 -26.49 -15.82
N ARG E 118 -11.15 -27.52 -15.42
CA ARG E 118 -11.48 -27.68 -14.00
C ARG E 118 -10.39 -28.32 -13.14
N ALA E 119 -9.45 -29.01 -13.78
CA ALA E 119 -8.29 -29.51 -13.05
C ALA E 119 -7.47 -28.34 -12.52
N ALA E 120 -7.16 -27.39 -13.39
CA ALA E 120 -6.44 -26.20 -13.02
C ALA E 120 -7.29 -25.27 -12.17
N ALA E 121 -8.56 -25.14 -12.56
CA ALA E 121 -9.51 -24.23 -11.89
C ALA E 121 -9.84 -24.67 -10.47
N GLU E 122 -9.48 -25.91 -10.14
CA GLU E 122 -9.75 -26.48 -8.82
C GLU E 122 -8.76 -25.98 -7.77
N LYS E 123 -7.54 -25.70 -8.22
CA LYS E 123 -6.43 -25.35 -7.34
C LYS E 123 -6.24 -23.84 -7.13
N ARG E 124 -5.30 -23.50 -6.25
CA ARG E 124 -4.99 -22.11 -5.94
C ARG E 124 -3.65 -21.73 -6.53
N TRP E 125 -3.54 -20.48 -6.99
CA TRP E 125 -2.33 -20.02 -7.66
C TRP E 125 -2.01 -18.59 -7.25
N ASP E 126 -0.81 -18.13 -7.58
CA ASP E 126 -0.42 -16.74 -7.32
C ASP E 126 0.32 -16.14 -8.52
N ARG E 127 0.39 -16.91 -9.59
CA ARG E 127 0.95 -16.44 -10.85
C ARG E 127 -0.07 -16.66 -11.97
N VAL E 128 -0.05 -15.79 -12.95
CA VAL E 128 -1.00 -15.85 -14.07
C VAL E 128 -0.29 -15.47 -15.35
N LYS E 129 -0.28 -16.38 -16.31
CA LYS E 129 0.33 -16.12 -17.61
C LYS E 129 -0.73 -15.95 -18.69
N ILE E 130 -0.70 -14.81 -19.37
CA ILE E 130 -1.60 -14.58 -20.50
C ILE E 130 -0.84 -14.56 -21.82
N VAL E 131 -1.24 -15.44 -22.74
CA VAL E 131 -0.64 -15.49 -24.08
C VAL E 131 -1.61 -15.01 -25.16
N CYS E 132 -1.16 -14.04 -25.95
CA CYS E 132 -1.95 -13.47 -27.05
C CYS E 132 -1.33 -13.76 -28.41
N SER E 133 -2.17 -14.15 -29.36
CA SER E 133 -1.67 -14.44 -30.70
C SER E 133 -2.41 -13.63 -31.79
N GLN E 134 -1.69 -13.30 -32.84
CA GLN E 134 -2.29 -12.69 -34.00
C GLN E 134 -1.54 -13.15 -35.25
N PRO E 135 -1.89 -14.34 -35.76
CA PRO E 135 -1.24 -14.99 -36.91
C PRO E 135 -1.79 -14.49 -38.25
N TYR E 136 -2.94 -13.84 -38.22
CA TYR E 136 -3.64 -13.47 -39.45
C TYR E 136 -3.29 -12.08 -39.99
N SER E 137 -2.61 -11.29 -39.18
CA SER E 137 -2.24 -9.94 -39.58
C SER E 137 -0.97 -9.50 -38.87
N LYS E 138 0.00 -9.03 -39.65
CA LYS E 138 1.26 -8.51 -39.11
C LYS E 138 1.34 -6.99 -39.27
N ASP E 139 0.20 -6.40 -39.60
CA ASP E 139 0.09 -4.97 -39.90
C ASP E 139 0.15 -4.06 -38.67
N SER E 140 -0.27 -4.56 -37.51
CA SER E 140 -0.39 -3.69 -36.33
C SER E 140 0.04 -4.37 -35.05
N PRO E 141 0.44 -3.57 -34.05
CA PRO E 141 0.61 -4.06 -32.68
C PRO E 141 -0.75 -4.49 -32.13
N PHE E 142 -0.74 -5.47 -31.25
CA PHE E 142 -1.96 -6.05 -30.71
C PHE E 142 -1.73 -6.37 -29.26
N GLY E 143 -2.80 -6.67 -28.54
CA GLY E 143 -2.68 -7.02 -27.12
C GLY E 143 -4.01 -7.20 -26.45
N LEU E 144 -4.11 -6.68 -25.24
CA LEU E 144 -5.36 -6.71 -24.48
C LEU E 144 -5.70 -5.31 -24.03
N SER E 145 -6.98 -5.07 -23.81
CA SER E 145 -7.44 -3.82 -23.23
C SER E 145 -7.44 -3.94 -21.71
N PHE E 146 -7.94 -5.06 -21.21
CA PHE E 146 -7.88 -5.34 -19.78
C PHE E 146 -8.04 -6.83 -19.48
N VAL E 147 -7.87 -7.19 -18.23
CA VAL E 147 -8.13 -8.55 -17.79
C VAL E 147 -8.57 -8.53 -16.31
N ARG E 148 -9.62 -9.27 -16.01
CA ARG E 148 -10.13 -9.32 -14.65
C ARG E 148 -10.27 -10.77 -14.19
N PHE E 149 -9.65 -11.05 -13.06
CA PHE E 149 -9.79 -12.33 -12.41
C PHE E 149 -10.69 -12.17 -11.18
N HIS E 150 -11.49 -13.19 -10.89
CA HIS E 150 -12.38 -13.13 -9.75
C HIS E 150 -12.19 -14.42 -8.98
N SER E 151 -12.20 -14.32 -7.66
CA SER E 151 -12.17 -15.50 -6.81
C SER E 151 -13.60 -16.01 -6.61
N PRO E 152 -13.76 -17.25 -6.10
CA PRO E 152 -15.10 -17.75 -5.81
C PRO E 152 -15.83 -16.88 -4.79
N PRO E 153 -17.15 -16.78 -4.94
CA PRO E 153 -18.02 -15.94 -4.11
C PRO E 153 -18.32 -16.60 -2.77
N PRO F 2 -23.31 -14.15 -10.37
CA PRO F 2 -23.89 -14.76 -11.58
C PRO F 2 -24.52 -13.72 -12.52
N GLU F 3 -24.26 -13.86 -13.81
CA GLU F 3 -24.84 -12.94 -14.79
C GLU F 3 -26.36 -13.08 -14.76
N ILE F 4 -27.05 -11.94 -14.73
CA ILE F 4 -28.51 -11.92 -14.79
C ILE F 4 -28.96 -12.04 -16.24
N ARG F 5 -29.99 -12.85 -16.45
CA ARG F 5 -30.55 -13.10 -17.78
C ARG F 5 -31.70 -12.14 -18.09
N LEU F 6 -31.68 -11.61 -19.32
CA LEU F 6 -32.67 -10.62 -19.75
C LEU F 6 -33.66 -11.26 -20.72
N ARG F 7 -34.94 -11.12 -20.42
CA ARG F 7 -36.01 -11.77 -21.18
C ARG F 7 -36.34 -11.05 -22.50
N HIS F 8 -36.77 -9.80 -22.40
CA HIS F 8 -37.10 -9.02 -23.58
C HIS F 8 -36.97 -7.49 -23.37
N VAL F 9 -37.14 -6.75 -24.46
CA VAL F 9 -37.12 -5.29 -24.44
C VAL F 9 -38.54 -4.80 -24.21
N VAL F 10 -38.77 -4.08 -23.14
CA VAL F 10 -40.10 -3.57 -22.83
C VAL F 10 -40.44 -2.30 -23.63
N SER F 11 -39.47 -1.42 -23.77
CA SER F 11 -39.67 -0.21 -24.51
C SER F 11 -38.31 0.27 -24.99
N CYS F 12 -38.32 1.14 -26.00
CA CYS F 12 -37.10 1.77 -26.50
C CYS F 12 -37.48 3.11 -27.11
N SER F 13 -36.79 4.17 -26.69
CA SER F 13 -37.10 5.52 -27.17
C SER F 13 -36.58 5.78 -28.59
N SER F 14 -35.57 5.01 -29.00
CA SER F 14 -35.00 5.15 -30.33
C SER F 14 -34.03 4.01 -30.59
N GLN F 15 -34.12 3.42 -31.78
CA GLN F 15 -33.21 2.34 -32.16
C GLN F 15 -33.04 2.25 -33.68
N ASP F 16 -31.91 1.68 -34.07
CA ASP F 16 -31.52 1.45 -35.46
C ASP F 16 -32.13 0.15 -35.97
N SER F 17 -32.14 -0.02 -37.28
CA SER F 17 -32.68 -1.26 -37.86
C SER F 17 -31.75 -2.44 -37.65
N THR F 18 -30.44 -2.16 -37.65
CA THR F 18 -29.42 -3.17 -37.38
C THR F 18 -28.99 -3.14 -35.90
N HIS F 19 -28.64 -1.96 -35.41
CA HIS F 19 -28.26 -1.78 -34.01
C HIS F 19 -29.49 -1.50 -33.15
N CYS F 20 -30.31 -2.52 -32.96
CA CYS F 20 -31.54 -2.39 -32.22
C CYS F 20 -31.39 -2.81 -30.77
N ALA F 21 -32.36 -2.42 -29.95
CA ALA F 21 -32.37 -2.70 -28.51
C ALA F 21 -32.21 -4.18 -28.17
N GLU F 22 -32.78 -5.04 -29.01
CA GLU F 22 -32.76 -6.49 -28.79
C GLU F 22 -31.33 -7.01 -28.61
N ASN F 23 -30.38 -6.27 -29.18
CA ASN F 23 -28.97 -6.64 -29.15
C ASN F 23 -28.36 -6.60 -27.75
N LEU F 24 -29.06 -5.97 -26.80
CA LEU F 24 -28.54 -5.80 -25.45
C LEU F 24 -28.94 -6.93 -24.51
N LEU F 25 -29.88 -7.77 -24.93
CA LEU F 25 -30.36 -8.84 -24.07
C LEU F 25 -29.26 -9.84 -23.73
N LYS F 26 -28.30 -10.01 -24.63
CA LYS F 26 -27.11 -10.79 -24.32
C LYS F 26 -25.83 -10.10 -24.77
N ALA F 27 -24.88 -10.01 -23.85
CA ALA F 27 -23.57 -9.41 -24.10
C ALA F 27 -22.73 -10.28 -25.04
N ASP F 28 -23.08 -11.55 -25.10
CA ASP F 28 -22.39 -12.53 -25.95
C ASP F 28 -22.28 -12.13 -27.41
N THR F 29 -23.25 -11.34 -27.88
CA THR F 29 -23.44 -11.12 -29.32
C THR F 29 -22.40 -10.27 -30.05
N TYR F 30 -21.80 -9.31 -29.35
CA TYR F 30 -20.92 -8.34 -29.98
C TYR F 30 -21.75 -7.49 -30.92
N ARG F 31 -23.05 -7.45 -30.63
CA ARG F 31 -23.99 -6.58 -31.32
C ARG F 31 -24.40 -5.37 -30.50
N LYS F 32 -24.64 -4.26 -31.19
CA LYS F 32 -24.83 -2.97 -30.54
C LYS F 32 -26.26 -2.45 -30.55
N TRP F 33 -26.53 -1.53 -29.62
CA TRP F 33 -27.75 -0.74 -29.68
C TRP F 33 -27.42 0.72 -29.96
N ARG F 34 -28.05 1.26 -30.99
CA ARG F 34 -27.80 2.65 -31.38
C ARG F 34 -29.10 3.36 -31.74
N ALA F 35 -29.04 4.70 -31.68
CA ALA F 35 -30.19 5.53 -31.97
C ALA F 35 -30.57 5.42 -33.44
N ALA F 36 -31.86 5.59 -33.72
CA ALA F 36 -32.32 5.50 -35.10
C ALA F 36 -31.65 6.60 -35.89
N LYS F 37 -31.36 7.71 -35.21
CA LYS F 37 -30.85 8.91 -35.87
C LYS F 37 -29.79 9.65 -35.09
N ALA F 38 -28.93 10.35 -35.82
CA ALA F 38 -27.97 11.26 -35.23
C ALA F 38 -28.71 12.44 -34.65
N GLY F 39 -28.17 13.03 -33.59
CA GLY F 39 -28.72 14.25 -33.04
C GLY F 39 -29.83 14.15 -32.03
N GLU F 40 -30.17 12.94 -31.59
CA GLU F 40 -31.06 12.77 -30.44
C GLU F 40 -30.25 12.95 -29.15
N LYS F 41 -30.58 13.95 -28.35
CA LYS F 41 -29.74 14.27 -27.20
C LYS F 41 -29.66 13.14 -26.18
N THR F 42 -30.76 12.39 -26.04
CA THR F 42 -30.77 11.21 -25.17
C THR F 42 -31.69 10.13 -25.74
N ILE F 43 -31.45 8.88 -25.34
CA ILE F 43 -32.21 7.74 -25.82
C ILE F 43 -32.33 6.73 -24.68
N SER F 44 -33.29 5.81 -24.78
CA SER F 44 -33.63 4.99 -23.64
C SER F 44 -34.13 3.58 -24.03
N VAL F 45 -33.88 2.59 -23.17
CA VAL F 45 -34.48 1.25 -23.30
C VAL F 45 -34.79 0.67 -21.93
N VAL F 46 -35.93 -0.01 -21.86
CA VAL F 46 -36.30 -0.75 -20.66
C VAL F 46 -36.20 -2.24 -20.97
N LEU F 47 -35.39 -2.95 -20.20
CA LEU F 47 -35.21 -4.38 -20.38
C LEU F 47 -35.93 -5.14 -19.28
N GLN F 48 -36.60 -6.23 -19.65
CA GLN F 48 -37.27 -7.10 -18.68
C GLN F 48 -36.37 -8.27 -18.29
N LEU F 49 -36.11 -8.44 -16.99
CA LEU F 49 -35.33 -9.59 -16.53
C LEU F 49 -36.22 -10.83 -16.52
N GLU F 50 -35.60 -12.01 -16.60
CA GLU F 50 -36.36 -13.25 -16.62
C GLU F 50 -37.06 -13.52 -15.30
N LYS F 51 -36.40 -13.14 -14.21
CA LYS F 51 -36.98 -13.22 -12.88
C LYS F 51 -36.56 -11.99 -12.09
N GLU F 52 -37.25 -11.72 -10.99
CA GLU F 52 -36.89 -10.63 -10.10
C GLU F 52 -35.57 -10.95 -9.41
N GLU F 53 -34.64 -10.00 -9.43
CA GLU F 53 -33.32 -10.25 -8.89
C GLU F 53 -32.68 -9.01 -8.29
N GLN F 54 -31.71 -9.24 -7.43
CA GLN F 54 -30.91 -8.16 -6.84
C GLN F 54 -29.67 -7.96 -7.68
N ILE F 55 -29.38 -6.71 -8.01
CA ILE F 55 -28.23 -6.39 -8.85
C ILE F 55 -27.00 -6.03 -8.02
N HIS F 56 -25.92 -6.75 -8.28
CA HIS F 56 -24.68 -6.61 -7.53
C HIS F 56 -23.70 -5.70 -8.28
N SER F 57 -23.70 -5.83 -9.60
CA SER F 57 -22.70 -5.16 -10.43
C SER F 57 -23.28 -4.87 -11.80
N VAL F 58 -22.72 -3.87 -12.48
CA VAL F 58 -23.16 -3.48 -13.80
C VAL F 58 -21.95 -3.15 -14.67
N ASP F 59 -21.81 -3.86 -15.80
CA ASP F 59 -20.81 -3.51 -16.80
C ASP F 59 -21.50 -2.78 -17.97
N ILE F 60 -20.88 -1.71 -18.43
CA ILE F 60 -21.43 -0.93 -19.52
C ILE F 60 -20.36 -0.84 -20.59
N GLY F 61 -20.68 -1.28 -21.79
CA GLY F 61 -19.82 -1.10 -22.94
C GLY F 61 -20.35 0.07 -23.74
N ASN F 62 -19.62 1.18 -23.74
CA ASN F 62 -20.12 2.37 -24.42
C ASN F 62 -20.10 2.24 -25.94
N ASP F 63 -20.70 3.21 -26.62
CA ASP F 63 -20.69 3.25 -28.07
C ASP F 63 -21.14 4.61 -28.58
N GLY F 64 -20.44 5.66 -28.12
CA GLY F 64 -20.69 7.00 -28.60
C GLY F 64 -21.40 7.92 -27.64
N SER F 65 -21.84 7.36 -26.51
CA SER F 65 -22.54 8.16 -25.48
C SER F 65 -21.56 8.88 -24.58
N ALA F 66 -21.98 10.03 -24.07
CA ALA F 66 -21.19 10.85 -23.15
C ALA F 66 -21.53 10.52 -21.69
N PHE F 67 -22.80 10.22 -21.46
CA PHE F 67 -23.30 9.84 -20.15
C PHE F 67 -24.19 8.60 -20.24
N VAL F 68 -24.19 7.80 -19.18
CA VAL F 68 -25.10 6.67 -19.09
C VAL F 68 -25.67 6.58 -17.69
N GLU F 69 -26.97 6.36 -17.61
CA GLU F 69 -27.67 6.22 -16.34
C GLU F 69 -28.46 4.92 -16.34
N VAL F 70 -28.48 4.25 -15.20
CA VAL F 70 -29.25 3.03 -15.08
C VAL F 70 -30.23 3.16 -13.92
N LEU F 71 -31.51 2.98 -14.23
CA LEU F 71 -32.56 2.96 -13.22
C LEU F 71 -33.19 1.58 -13.15
N VAL F 72 -33.80 1.28 -12.01
CA VAL F 72 -34.38 -0.04 -11.77
C VAL F 72 -35.85 0.10 -11.40
N GLY F 73 -36.66 -0.85 -11.83
CA GLY F 73 -38.09 -0.76 -11.63
C GLY F 73 -38.72 -2.13 -11.59
N SER F 74 -40.04 -2.15 -11.43
CA SER F 74 -40.77 -3.40 -11.34
C SER F 74 -41.85 -3.42 -12.41
N SER F 75 -42.15 -4.61 -12.92
CA SER F 75 -43.22 -4.78 -13.89
C SER F 75 -44.54 -4.85 -13.13
N ALA F 76 -44.46 -5.09 -11.82
CA ALA F 76 -45.62 -5.18 -10.95
C ALA F 76 -46.25 -3.83 -10.67
N GLY F 77 -47.57 -3.74 -10.86
CA GLY F 77 -48.28 -2.48 -10.68
C GLY F 77 -47.90 -1.48 -11.76
N GLY F 78 -47.55 -1.99 -12.94
CA GLY F 78 -47.07 -1.16 -14.02
C GLY F 78 -45.74 -0.52 -13.67
N ALA F 79 -45.29 0.38 -14.54
CA ALA F 79 -44.04 1.10 -14.30
C ALA F 79 -44.12 2.51 -14.88
N GLY F 80 -44.17 3.50 -14.00
CA GLY F 80 -44.29 4.88 -14.42
C GLY F 80 -42.96 5.60 -14.53
N GLU F 81 -43.01 6.85 -14.95
CA GLU F 81 -41.84 7.70 -14.97
C GLU F 81 -41.26 7.81 -13.56
N GLN F 82 -42.11 8.22 -12.63
CA GLN F 82 -41.74 8.36 -11.22
C GLN F 82 -41.67 6.99 -10.52
N ASP F 83 -41.59 5.93 -11.31
CA ASP F 83 -41.60 4.57 -10.78
C ASP F 83 -40.21 3.95 -10.75
N TYR F 84 -39.33 4.39 -11.65
CA TYR F 84 -37.95 3.89 -11.69
C TYR F 84 -37.05 4.53 -10.63
N GLU F 85 -36.39 3.68 -9.85
CA GLU F 85 -35.38 4.10 -8.89
C GLU F 85 -34.07 4.22 -9.65
N VAL F 86 -33.18 5.14 -9.25
CA VAL F 86 -31.87 5.19 -9.87
C VAL F 86 -30.97 4.16 -9.20
N LEU F 87 -30.36 3.27 -9.98
CA LEU F 87 -29.40 2.32 -9.44
C LEU F 87 -27.95 2.79 -9.65
N LEU F 88 -27.63 3.13 -10.89
CA LEU F 88 -26.36 3.78 -11.21
C LEU F 88 -26.58 5.22 -11.64
N VAL F 89 -26.12 6.17 -10.81
CA VAL F 89 -26.23 7.58 -11.12
C VAL F 89 -25.51 7.94 -12.45
N THR F 90 -25.95 8.99 -13.12
CA THR F 90 -25.36 9.39 -14.39
C THR F 90 -23.84 9.29 -14.31
N SER F 91 -23.28 8.41 -15.12
CA SER F 91 -21.83 8.23 -15.15
C SER F 91 -21.24 8.61 -16.51
N SER F 92 -20.07 9.22 -16.48
CA SER F 92 -19.41 9.72 -17.68
C SER F 92 -18.61 8.63 -18.39
N PHE F 93 -18.64 8.64 -19.72
CA PHE F 93 -17.92 7.66 -20.51
C PHE F 93 -17.09 8.36 -21.59
N MET F 94 -17.34 9.66 -21.74
CA MET F 94 -16.84 10.42 -22.86
C MET F 94 -16.86 11.90 -22.49
N SER F 95 -15.78 12.59 -22.79
CA SER F 95 -15.70 14.03 -22.56
C SER F 95 -16.31 14.82 -23.72
N PRO F 96 -16.54 16.11 -23.52
CA PRO F 96 -17.04 16.96 -24.61
C PRO F 96 -16.11 16.93 -25.83
N SER F 97 -14.81 17.07 -25.59
CA SER F 97 -13.81 17.09 -26.66
C SER F 97 -13.83 15.77 -27.44
N GLU F 98 -13.84 14.66 -26.70
CA GLU F 98 -13.92 13.33 -27.30
C GLU F 98 -15.24 13.16 -28.03
N SER F 99 -16.32 13.57 -27.38
CA SER F 99 -17.64 13.48 -27.97
C SER F 99 -17.68 14.23 -29.29
N ARG F 100 -17.07 15.42 -29.33
CA ARG F 100 -17.02 16.25 -30.53
C ARG F 100 -16.18 15.63 -31.65
N SER F 101 -15.06 15.00 -31.29
CA SER F 101 -14.14 14.41 -32.26
C SER F 101 -14.39 12.93 -32.50
N GLY F 102 -15.18 12.31 -31.63
CA GLY F 102 -15.47 10.88 -31.75
C GLY F 102 -14.37 9.96 -31.19
N SER F 103 -13.53 10.49 -30.31
CA SER F 103 -12.43 9.70 -29.74
C SER F 103 -12.89 8.90 -28.52
N ASN F 104 -12.43 7.66 -28.43
CA ASN F 104 -12.77 6.77 -27.31
C ASN F 104 -14.26 6.63 -27.08
N PRO F 105 -15.00 6.19 -28.12
CA PRO F 105 -16.45 6.01 -27.99
C PRO F 105 -16.80 4.68 -27.34
N ASN F 106 -15.82 3.79 -27.24
CA ASN F 106 -16.08 2.39 -26.93
C ASN F 106 -15.61 1.96 -25.55
N ARG F 107 -15.31 2.96 -24.73
CA ARG F 107 -14.89 2.73 -23.36
C ARG F 107 -15.88 1.88 -22.56
N VAL F 108 -15.36 0.82 -21.93
CA VAL F 108 -16.17 -0.04 -21.06
C VAL F 108 -15.85 0.19 -19.59
N ARG F 109 -16.89 0.34 -18.79
CA ARG F 109 -16.75 0.67 -17.38
C ARG F 109 -17.58 -0.25 -16.49
N MET F 110 -16.95 -0.71 -15.43
CA MET F 110 -17.57 -1.66 -14.52
C MET F 110 -17.96 -0.92 -13.25
N PHE F 111 -19.15 -1.23 -12.72
CA PHE F 111 -19.67 -0.56 -11.54
C PHE F 111 -20.09 -1.61 -10.51
N GLY F 112 -19.25 -1.77 -9.49
CA GLY F 112 -19.49 -2.70 -8.40
C GLY F 112 -20.50 -2.18 -7.40
N PRO F 113 -20.72 -2.95 -6.31
CA PRO F 113 -21.76 -2.65 -5.31
C PRO F 113 -21.55 -1.29 -4.66
N ASP F 114 -20.29 -0.84 -4.60
CA ASP F 114 -19.92 0.42 -3.96
C ASP F 114 -20.21 1.65 -4.83
N LYS F 115 -20.30 1.46 -6.14
CA LYS F 115 -20.51 2.57 -7.08
C LYS F 115 -21.99 2.76 -7.43
N LEU F 116 -22.81 1.80 -7.01
CA LEU F 116 -24.26 1.88 -7.19
C LEU F 116 -24.90 2.55 -5.98
N VAL F 117 -26.08 3.13 -6.15
CA VAL F 117 -26.81 3.68 -5.00
C VAL F 117 -27.41 2.55 -4.18
N ARG F 118 -27.13 2.55 -2.89
CA ARG F 118 -27.38 1.36 -2.08
C ARG F 118 -28.81 1.19 -1.60
N ALA F 119 -29.57 2.27 -1.65
CA ALA F 119 -31.01 2.17 -1.36
C ALA F 119 -31.68 1.31 -2.44
N ALA F 120 -31.42 1.66 -3.69
CA ALA F 120 -31.94 0.91 -4.82
C ALA F 120 -31.25 -0.44 -4.95
N ALA F 121 -29.94 -0.46 -4.74
CA ALA F 121 -29.14 -1.68 -4.87
C ALA F 121 -29.47 -2.73 -3.82
N GLU F 122 -30.18 -2.32 -2.76
CA GLU F 122 -30.55 -3.22 -1.67
C GLU F 122 -31.72 -4.13 -2.06
N LYS F 123 -32.61 -3.61 -2.90
CA LYS F 123 -33.85 -4.29 -3.27
C LYS F 123 -33.74 -5.18 -4.52
N ARG F 124 -34.82 -5.92 -4.80
CA ARG F 124 -34.89 -6.77 -5.98
C ARG F 124 -35.80 -6.14 -7.03
N TRP F 125 -35.45 -6.35 -8.29
CA TRP F 125 -36.20 -5.76 -9.41
C TRP F 125 -36.31 -6.75 -10.57
N ASP F 126 -37.16 -6.43 -11.55
CA ASP F 126 -37.29 -7.25 -12.75
C ASP F 126 -37.36 -6.39 -14.01
N ARG F 127 -37.20 -5.09 -13.81
CA ARG F 127 -37.12 -4.15 -14.92
C ARG F 127 -35.84 -3.33 -14.81
N VAL F 128 -35.30 -2.93 -15.95
CA VAL F 128 -34.05 -2.17 -15.96
C VAL F 128 -34.11 -1.11 -17.04
N LYS F 129 -33.97 0.16 -16.66
CA LYS F 129 -34.00 1.26 -17.62
C LYS F 129 -32.60 1.83 -17.80
N ILE F 130 -32.14 1.86 -19.04
CA ILE F 130 -30.85 2.48 -19.37
C ILE F 130 -31.04 3.77 -20.18
N VAL F 131 -30.53 4.89 -19.67
CA VAL F 131 -30.61 6.16 -20.38
C VAL F 131 -29.22 6.61 -20.83
N CYS F 132 -29.08 6.87 -22.13
CA CYS F 132 -27.84 7.36 -22.72
C CYS F 132 -27.98 8.79 -23.23
N SER F 133 -26.96 9.61 -22.98
CA SER F 133 -26.97 10.99 -23.46
C SER F 133 -25.73 11.32 -24.28
N GLN F 134 -25.90 12.23 -25.24
CA GLN F 134 -24.78 12.76 -25.99
C GLN F 134 -25.13 14.18 -26.38
N PRO F 135 -24.89 15.14 -25.45
CA PRO F 135 -25.19 16.57 -25.60
C PRO F 135 -24.07 17.33 -26.30
N TYR F 136 -22.91 16.72 -26.45
CA TYR F 136 -21.73 17.40 -26.99
C TYR F 136 -21.52 17.22 -28.48
N SER F 137 -22.23 16.29 -29.09
CA SER F 137 -22.13 16.07 -30.53
C SER F 137 -23.43 15.51 -31.11
N LYS F 138 -23.91 16.15 -32.17
CA LYS F 138 -25.13 15.72 -32.84
C LYS F 138 -24.80 15.11 -34.20
N ASP F 139 -23.51 14.86 -34.41
CA ASP F 139 -22.99 14.40 -35.70
C ASP F 139 -23.29 12.94 -36.00
N SER F 140 -23.46 12.12 -34.96
CA SER F 140 -23.57 10.68 -35.15
C SER F 140 -24.60 10.02 -34.24
N PRO F 141 -25.14 8.88 -34.67
CA PRO F 141 -25.91 8.01 -33.78
C PRO F 141 -24.98 7.49 -32.69
N PHE F 142 -25.54 7.25 -31.51
CA PHE F 142 -24.74 6.80 -30.37
C PHE F 142 -25.58 5.77 -29.63
N GLY F 143 -24.96 5.05 -28.70
CA GLY F 143 -25.69 4.08 -27.91
C GLY F 143 -24.76 3.30 -26.99
N LEU F 144 -25.03 2.00 -26.89
CA LEU F 144 -24.21 1.10 -26.08
C LEU F 144 -23.75 -0.04 -26.95
N SER F 145 -22.62 -0.63 -26.57
CA SER F 145 -22.15 -1.83 -27.23
C SER F 145 -22.75 -3.05 -26.52
N PHE F 146 -22.73 -3.03 -25.19
CA PHE F 146 -23.36 -4.08 -24.40
C PHE F 146 -23.63 -3.62 -22.98
N VAL F 147 -24.34 -4.47 -22.24
CA VAL F 147 -24.59 -4.22 -20.83
C VAL F 147 -24.74 -5.56 -20.09
N ARG F 148 -24.04 -5.68 -18.97
CA ARG F 148 -24.09 -6.91 -18.19
C ARG F 148 -24.46 -6.61 -16.76
N PHE F 149 -25.53 -7.25 -16.30
CA PHE F 149 -25.94 -7.19 -14.92
C PHE F 149 -25.56 -8.50 -14.23
N HIS F 150 -25.18 -8.41 -12.96
CA HIS F 150 -24.78 -9.59 -12.22
C HIS F 150 -25.51 -9.56 -10.90
N SER F 151 -25.96 -10.73 -10.45
CA SER F 151 -26.59 -10.84 -9.14
C SER F 151 -25.50 -11.08 -8.11
N PRO F 152 -25.83 -10.94 -6.82
CA PRO F 152 -24.86 -11.23 -5.77
C PRO F 152 -24.38 -12.67 -5.82
N PRO F 153 -23.11 -12.89 -5.50
CA PRO F 153 -22.44 -14.19 -5.54
C PRO F 153 -22.80 -15.08 -4.33
N PRO G 2 -34.50 -14.49 34.72
CA PRO G 2 -35.42 -13.56 34.06
C PRO G 2 -34.67 -12.31 33.59
N GLU G 3 -34.95 -11.85 32.37
CA GLU G 3 -34.32 -10.66 31.85
C GLU G 3 -34.70 -9.47 32.71
N ILE G 4 -33.70 -8.69 33.11
CA ILE G 4 -33.92 -7.47 33.86
C ILE G 4 -34.38 -6.34 32.92
N ARG G 5 -35.37 -5.58 33.38
CA ARG G 5 -35.92 -4.45 32.63
C ARG G 5 -35.19 -3.14 32.95
N LEU G 6 -34.88 -2.37 31.91
CA LEU G 6 -34.18 -1.10 32.06
C LEU G 6 -35.10 0.09 31.83
N ARG G 7 -35.12 1.00 32.80
CA ARG G 7 -36.08 2.11 32.80
C ARG G 7 -35.63 3.26 31.88
N HIS G 8 -34.46 3.82 32.16
CA HIS G 8 -33.96 4.92 31.36
C HIS G 8 -32.43 5.04 31.38
N VAL G 9 -31.91 5.91 30.53
CA VAL G 9 -30.49 6.22 30.47
C VAL G 9 -30.19 7.40 31.39
N VAL G 10 -29.33 7.17 32.38
CA VAL G 10 -29.02 8.19 33.40
C VAL G 10 -27.96 9.20 32.91
N SER G 11 -27.00 8.70 32.17
CA SER G 11 -25.94 9.53 31.61
C SER G 11 -25.33 8.77 30.45
N CYS G 12 -24.65 9.51 29.58
CA CYS G 12 -23.95 8.94 28.44
C CYS G 12 -22.82 9.89 28.06
N SER G 13 -21.60 9.37 27.99
CA SER G 13 -20.42 10.18 27.68
C SER G 13 -20.38 10.61 26.20
N SER G 14 -20.98 9.82 25.33
CA SER G 14 -20.99 10.11 23.91
C SER G 14 -21.99 9.20 23.22
N GLN G 15 -22.73 9.76 22.27
CA GLN G 15 -23.74 9.01 21.52
C GLN G 15 -24.07 9.63 20.17
N ASP G 16 -24.54 8.79 19.27
CA ASP G 16 -24.90 9.17 17.91
C ASP G 16 -26.38 9.62 17.87
N SER G 17 -26.76 10.34 16.82
CA SER G 17 -28.13 10.83 16.73
C SER G 17 -29.07 9.70 16.42
N THR G 18 -28.57 8.73 15.65
CA THR G 18 -29.35 7.54 15.35
C THR G 18 -29.01 6.41 16.32
N HIS G 19 -27.72 6.12 16.47
CA HIS G 19 -27.28 5.09 17.40
C HIS G 19 -27.04 5.72 18.77
N CYS G 20 -28.12 6.01 19.45
CA CYS G 20 -28.08 6.64 20.75
C CYS G 20 -28.20 5.62 21.90
N ALA G 21 -27.86 6.07 23.10
CA ALA G 21 -27.90 5.23 24.29
C ALA G 21 -29.25 4.58 24.57
N GLU G 22 -30.32 5.30 24.25
CA GLU G 22 -31.70 4.84 24.48
C GLU G 22 -31.96 3.48 23.84
N ASN G 23 -31.21 3.20 22.79
CA ASN G 23 -31.29 1.93 22.06
C ASN G 23 -30.90 0.68 22.85
N LEU G 24 -30.24 0.88 23.99
CA LEU G 24 -29.77 -0.24 24.82
C LEU G 24 -30.77 -0.68 25.87
N LEU G 25 -31.82 0.11 26.08
CA LEU G 25 -32.82 -0.21 27.10
C LEU G 25 -33.57 -1.50 26.81
N LYS G 26 -33.76 -1.81 25.53
CA LYS G 26 -34.26 -3.13 25.15
C LYS G 26 -33.44 -3.80 24.02
N ALA G 27 -33.05 -5.05 24.25
CA ALA G 27 -32.28 -5.82 23.27
C ALA G 27 -33.13 -6.20 22.07
N ASP G 28 -34.44 -6.18 22.29
CA ASP G 28 -35.42 -6.50 21.24
C ASP G 28 -35.22 -5.73 19.94
N THR G 29 -34.71 -4.51 20.05
CA THR G 29 -34.80 -3.52 18.97
C THR G 29 -33.92 -3.78 17.75
N TYR G 30 -32.78 -4.43 17.94
CA TYR G 30 -31.79 -4.56 16.88
C TYR G 30 -31.22 -3.19 16.55
N ARG G 31 -31.34 -2.28 17.52
CA ARG G 31 -30.79 -0.94 17.43
C ARG G 31 -29.54 -0.78 18.30
N LYS G 32 -28.61 0.04 17.80
CA LYS G 32 -27.28 0.15 18.39
C LYS G 32 -26.99 1.41 19.18
N TRP G 33 -25.99 1.34 20.05
CA TRP G 33 -25.44 2.55 20.65
C TRP G 33 -24.03 2.80 20.14
N ARG G 34 -23.79 3.99 19.59
CA ARG G 34 -22.47 4.33 19.07
C ARG G 34 -22.02 5.71 19.50
N ALA G 35 -20.70 5.92 19.46
CA ALA G 35 -20.12 7.21 19.81
C ALA G 35 -20.53 8.27 18.81
N ALA G 36 -20.67 9.50 19.31
CA ALA G 36 -21.03 10.61 18.44
C ALA G 36 -19.98 10.73 17.35
N LYS G 37 -18.75 10.41 17.71
CA LYS G 37 -17.62 10.63 16.82
C LYS G 37 -16.59 9.50 16.83
N ALA G 38 -15.88 9.40 15.72
CA ALA G 38 -14.78 8.48 15.61
C ALA G 38 -13.65 9.04 16.44
N GLY G 39 -12.81 8.16 17.01
CA GLY G 39 -11.61 8.61 17.68
C GLY G 39 -11.71 8.90 19.17
N GLU G 40 -12.87 8.68 19.77
CA GLU G 40 -12.98 8.73 21.24
C GLU G 40 -12.46 7.41 21.84
N LYS G 41 -11.39 7.47 22.63
CA LYS G 41 -10.74 6.25 23.07
C LYS G 41 -11.64 5.38 23.95
N THR G 42 -12.51 6.03 24.72
CA THR G 42 -13.52 5.31 25.49
C THR G 42 -14.84 6.09 25.56
N ILE G 43 -15.93 5.37 25.79
CA ILE G 43 -17.26 5.97 25.91
C ILE G 43 -18.05 5.23 26.99
N SER G 44 -19.13 5.84 27.47
CA SER G 44 -19.82 5.32 28.66
C SER G 44 -21.32 5.62 28.68
N VAL G 45 -22.08 4.76 29.34
CA VAL G 45 -23.50 4.99 29.62
C VAL G 45 -23.88 4.38 30.96
N VAL G 46 -24.72 5.09 31.69
CA VAL G 46 -25.29 4.56 32.90
C VAL G 46 -26.77 4.30 32.65
N LEU G 47 -27.19 3.06 32.88
CA LEU G 47 -28.59 2.70 32.71
C LEU G 47 -29.28 2.52 34.06
N GLN G 48 -30.52 2.99 34.16
CA GLN G 48 -31.30 2.83 35.38
C GLN G 48 -32.23 1.61 35.25
N LEU G 49 -32.12 0.67 36.18
CA LEU G 49 -33.04 -0.46 36.21
C LEU G 49 -34.41 -0.02 36.73
N GLU G 50 -35.46 -0.74 36.35
CA GLU G 50 -36.80 -0.40 36.85
C GLU G 50 -36.93 -0.61 38.35
N LYS G 51 -36.28 -1.67 38.85
CA LYS G 51 -36.23 -1.95 40.29
C LYS G 51 -34.83 -2.43 40.65
N GLU G 52 -34.50 -2.40 41.93
CA GLU G 52 -33.21 -2.91 42.40
C GLU G 52 -33.21 -4.42 42.24
N GLU G 53 -32.14 -4.95 41.67
CA GLU G 53 -32.09 -6.38 41.36
C GLU G 53 -30.68 -6.95 41.44
N GLN G 54 -30.60 -8.26 41.66
CA GLN G 54 -29.34 -8.97 41.61
C GLN G 54 -29.08 -9.48 40.20
N ILE G 55 -27.88 -9.22 39.69
CA ILE G 55 -27.52 -9.62 38.32
C ILE G 55 -26.83 -10.98 38.30
N HIS G 56 -27.39 -11.90 37.51
CA HIS G 56 -26.93 -13.28 37.41
C HIS G 56 -26.00 -13.46 36.20
N SER G 57 -26.38 -12.80 35.10
CA SER G 57 -25.70 -12.97 33.83
C SER G 57 -25.76 -11.70 33.00
N VAL G 58 -24.80 -11.57 32.08
CA VAL G 58 -24.68 -10.40 31.23
C VAL G 58 -24.32 -10.83 29.81
N ASP G 59 -25.17 -10.47 28.85
CA ASP G 59 -24.85 -10.65 27.44
C ASP G 59 -24.46 -9.32 26.83
N ILE G 60 -23.37 -9.32 26.07
CA ILE G 60 -22.87 -8.11 25.43
C ILE G 60 -22.78 -8.35 23.95
N GLY G 61 -23.50 -7.55 23.16
CA GLY G 61 -23.39 -7.60 21.71
C GLY G 61 -22.48 -6.47 21.28
N ASN G 62 -21.28 -6.80 20.79
CA ASN G 62 -20.31 -5.77 20.49
C ASN G 62 -20.68 -5.01 19.23
N ASP G 63 -19.96 -3.92 18.97
CA ASP G 63 -20.17 -3.12 17.77
C ASP G 63 -18.99 -2.16 17.56
N GLY G 64 -17.79 -2.72 17.45
CA GLY G 64 -16.61 -1.93 17.14
C GLY G 64 -15.67 -1.67 18.30
N SER G 65 -16.07 -2.06 19.51
CA SER G 65 -15.23 -1.91 20.71
C SER G 65 -14.23 -3.05 20.84
N ALA G 66 -13.09 -2.73 21.45
CA ALA G 66 -12.04 -3.70 21.71
C ALA G 66 -12.19 -4.27 23.12
N PHE G 67 -12.61 -3.41 24.03
CA PHE G 67 -12.84 -3.78 25.42
C PHE G 67 -14.18 -3.28 25.91
N VAL G 68 -14.81 -4.05 26.80
CA VAL G 68 -16.04 -3.63 27.48
C VAL G 68 -15.98 -3.96 28.96
N GLU G 69 -16.34 -2.97 29.78
CA GLU G 69 -16.38 -3.13 31.23
C GLU G 69 -17.77 -2.77 31.77
N VAL G 70 -18.23 -3.53 32.75
CA VAL G 70 -19.54 -3.29 33.34
C VAL G 70 -19.39 -3.10 34.84
N LEU G 71 -19.87 -1.96 35.31
CA LEU G 71 -19.86 -1.66 36.73
C LEU G 71 -21.31 -1.51 37.20
N VAL G 72 -21.52 -1.66 38.50
CA VAL G 72 -22.83 -1.62 39.08
C VAL G 72 -22.86 -0.62 40.22
N GLY G 73 -23.99 0.06 40.37
CA GLY G 73 -24.10 1.09 41.37
C GLY G 73 -25.52 1.29 41.82
N SER G 74 -25.73 2.28 42.67
CA SER G 74 -27.04 2.53 43.25
C SER G 74 -27.42 3.98 42.97
N SER G 75 -28.71 4.22 42.78
CA SER G 75 -29.20 5.57 42.60
C SER G 75 -29.35 6.22 43.97
N ALA G 76 -29.36 5.39 45.00
CA ALA G 76 -29.50 5.85 46.37
C ALA G 76 -28.22 6.52 46.89
N GLY G 77 -28.38 7.71 47.48
CA GLY G 77 -27.25 8.49 47.96
C GLY G 77 -26.39 8.99 46.81
N GLY G 78 -27.03 9.21 45.67
CA GLY G 78 -26.32 9.60 44.46
C GLY G 78 -25.42 8.48 43.97
N ALA G 79 -24.63 8.78 42.95
CA ALA G 79 -23.68 7.81 42.42
C ALA G 79 -22.43 8.51 41.92
N GLY G 80 -21.33 8.29 42.61
CA GLY G 80 -20.07 8.93 42.28
C GLY G 80 -19.18 8.09 41.40
N GLU G 81 -18.03 8.64 41.03
CA GLU G 81 -17.03 7.89 40.28
C GLU G 81 -16.59 6.69 41.12
N GLN G 82 -16.17 6.98 42.35
CA GLN G 82 -15.74 5.94 43.30
C GLN G 82 -16.95 5.20 43.89
N ASP G 83 -18.10 5.31 43.24
CA ASP G 83 -19.33 4.73 43.75
C ASP G 83 -19.71 3.43 43.03
N TYR G 84 -19.28 3.32 41.77
CA TYR G 84 -19.56 2.11 41.00
C TYR G 84 -18.59 0.97 41.32
N GLU G 85 -19.17 -0.19 41.62
CA GLU G 85 -18.44 -1.43 41.82
C GLU G 85 -18.24 -2.05 40.45
N VAL G 86 -17.14 -2.75 40.23
CA VAL G 86 -16.99 -3.49 38.98
C VAL G 86 -17.75 -4.82 39.08
N LEU G 87 -18.63 -5.09 38.13
CA LEU G 87 -19.31 -6.38 38.08
C LEU G 87 -18.65 -7.31 37.05
N LEU G 88 -18.45 -6.82 35.84
CA LEU G 88 -17.68 -7.54 34.83
C LEU G 88 -16.39 -6.80 34.51
N VAL G 89 -15.27 -7.41 34.90
CA VAL G 89 -13.95 -6.83 34.64
C VAL G 89 -13.71 -6.65 33.14
N THR G 90 -12.87 -5.67 32.79
CA THR G 90 -12.62 -5.37 31.39
C THR G 90 -12.46 -6.66 30.61
N SER G 91 -13.35 -6.87 29.64
CA SER G 91 -13.30 -8.07 28.81
C SER G 91 -13.09 -7.72 27.35
N SER G 92 -12.28 -8.54 26.67
CA SER G 92 -11.90 -8.30 25.28
C SER G 92 -12.94 -8.84 24.30
N PHE G 93 -13.16 -8.08 23.22
CA PHE G 93 -14.15 -8.43 22.22
C PHE G 93 -13.52 -8.36 20.85
N MET G 94 -12.33 -7.78 20.79
CA MET G 94 -11.69 -7.42 19.54
C MET G 94 -10.19 -7.24 19.78
N SER G 95 -9.39 -7.81 18.87
CA SER G 95 -7.94 -7.71 18.97
C SER G 95 -7.50 -6.40 18.35
N PRO G 96 -6.23 -6.01 18.55
CA PRO G 96 -5.67 -4.83 17.88
C PRO G 96 -5.77 -4.94 16.36
N SER G 97 -5.41 -6.10 15.82
CA SER G 97 -5.40 -6.32 14.38
C SER G 97 -6.79 -6.17 13.80
N GLU G 98 -7.75 -6.83 14.45
CA GLU G 98 -9.14 -6.74 14.08
C GLU G 98 -9.63 -5.32 14.22
N SER G 99 -9.29 -4.70 15.35
CA SER G 99 -9.69 -3.34 15.61
C SER G 99 -9.18 -2.41 14.51
N ARG G 100 -7.95 -2.66 14.07
CA ARG G 100 -7.33 -1.84 13.03
C ARG G 100 -7.99 -2.04 11.67
N SER G 101 -8.36 -3.29 11.38
CA SER G 101 -8.94 -3.62 10.08
C SER G 101 -10.47 -3.62 10.09
N GLY G 102 -11.06 -3.61 11.27
CA GLY G 102 -12.50 -3.62 11.41
C GLY G 102 -13.13 -5.00 11.30
N SER G 103 -12.34 -6.05 11.50
CA SER G 103 -12.82 -7.42 11.41
C SER G 103 -13.48 -7.89 12.72
N ASN G 104 -14.60 -8.60 12.60
CA ASN G 104 -15.33 -9.12 13.76
C ASN G 104 -15.64 -8.06 14.78
N PRO G 105 -16.37 -7.01 14.38
CA PRO G 105 -16.77 -5.96 15.32
C PRO G 105 -18.04 -6.31 16.09
N ASN G 106 -18.73 -7.35 15.64
CA ASN G 106 -20.07 -7.65 16.11
C ASN G 106 -20.17 -8.83 17.03
N ARG G 107 -19.02 -9.33 17.46
CA ARG G 107 -18.92 -10.44 18.42
C ARG G 107 -19.81 -10.27 19.67
N VAL G 108 -20.66 -11.27 19.94
CA VAL G 108 -21.45 -11.30 21.16
C VAL G 108 -20.96 -12.34 22.17
N ARG G 109 -20.84 -11.89 23.41
CA ARG G 109 -20.25 -12.69 24.47
C ARG G 109 -21.15 -12.69 25.70
N MET G 110 -21.35 -13.87 26.26
CA MET G 110 -22.19 -14.09 27.41
C MET G 110 -21.31 -14.28 28.64
N PHE G 111 -21.73 -13.70 29.77
CA PHE G 111 -20.94 -13.75 31.01
C PHE G 111 -21.81 -14.21 32.17
N GLY G 112 -21.64 -15.48 32.55
CA GLY G 112 -22.44 -16.08 33.60
C GLY G 112 -21.92 -15.71 34.98
N PRO G 113 -22.53 -16.29 36.03
CA PRO G 113 -22.23 -15.93 37.42
C PRO G 113 -20.76 -16.15 37.76
N ASP G 114 -20.13 -17.08 37.06
CA ASP G 114 -18.73 -17.45 37.31
C ASP G 114 -17.71 -16.49 36.69
N LYS G 115 -18.13 -15.73 35.69
CA LYS G 115 -17.24 -14.80 34.99
C LYS G 115 -17.37 -13.37 35.53
N LEU G 116 -18.35 -13.15 36.39
CA LEU G 116 -18.53 -11.86 37.04
C LEU G 116 -17.79 -11.87 38.36
N VAL G 117 -17.45 -10.69 38.88
CA VAL G 117 -16.82 -10.60 40.20
C VAL G 117 -17.87 -10.81 41.27
N ARG G 118 -17.61 -11.74 42.18
CA ARG G 118 -18.68 -12.24 43.06
C ARG G 118 -19.00 -11.37 44.28
N ALA G 119 -18.10 -10.48 44.65
CA ALA G 119 -18.40 -9.51 45.68
C ALA G 119 -19.50 -8.59 45.20
N ALA G 120 -19.33 -8.03 44.00
CA ALA G 120 -20.33 -7.17 43.40
C ALA G 120 -21.55 -7.97 42.96
N ALA G 121 -21.33 -9.17 42.42
CA ALA G 121 -22.40 -10.01 41.91
C ALA G 121 -23.30 -10.54 43.01
N GLU G 122 -22.83 -10.44 44.25
CA GLU G 122 -23.58 -10.93 45.41
C GLU G 122 -24.72 -9.99 45.78
N LYS G 123 -24.50 -8.69 45.56
CA LYS G 123 -25.42 -7.65 45.98
C LYS G 123 -26.49 -7.27 44.94
N ARG G 124 -27.41 -6.40 45.38
CA ARG G 124 -28.46 -5.88 44.51
C ARG G 124 -28.18 -4.44 44.11
N TRP G 125 -28.52 -4.10 42.87
CA TRP G 125 -28.27 -2.77 42.34
C TRP G 125 -29.44 -2.29 41.49
N ASP G 126 -29.44 -1.00 41.15
CA ASP G 126 -30.46 -0.43 40.27
C ASP G 126 -29.83 0.52 39.24
N ARG G 127 -28.50 0.60 39.25
CA ARG G 127 -27.76 1.36 38.25
C ARG G 127 -26.72 0.45 37.60
N VAL G 128 -26.44 0.70 36.32
CA VAL G 128 -25.51 -0.12 35.58
C VAL G 128 -24.70 0.78 34.66
N LYS G 129 -23.38 0.77 34.86
CA LYS G 129 -22.47 1.54 34.02
C LYS G 129 -21.72 0.62 33.07
N ILE G 130 -21.79 0.94 31.78
CA ILE G 130 -21.06 0.20 30.75
C ILE G 130 -20.00 1.10 30.11
N VAL G 131 -18.75 0.66 30.19
CA VAL G 131 -17.62 1.39 29.60
C VAL G 131 -17.02 0.62 28.41
N CYS G 132 -16.93 1.27 27.25
CA CYS G 132 -16.39 0.68 26.04
C CYS G 132 -15.13 1.40 25.60
N SER G 133 -14.12 0.64 25.17
CA SER G 133 -12.86 1.22 24.72
C SER G 133 -12.46 0.73 23.34
N GLN G 134 -11.81 1.60 22.59
CA GLN G 134 -11.22 1.23 21.32
C GLN G 134 -9.94 2.04 21.11
N PRO G 135 -8.82 1.55 21.70
CA PRO G 135 -7.52 2.21 21.68
C PRO G 135 -6.72 1.88 20.42
N TYR G 136 -7.17 0.86 19.67
CA TYR G 136 -6.39 0.35 18.53
C TYR G 136 -6.77 0.96 17.19
N SER G 137 -7.87 1.68 17.15
CA SER G 137 -8.32 2.31 15.91
C SER G 137 -9.15 3.54 16.20
N LYS G 138 -8.79 4.64 15.57
CA LYS G 138 -9.53 5.89 15.73
C LYS G 138 -10.32 6.22 14.46
N ASP G 139 -10.40 5.23 13.57
CA ASP G 139 -10.97 5.41 12.24
C ASP G 139 -12.50 5.48 12.23
N SER G 140 -13.14 4.87 13.22
CA SER G 140 -14.60 4.75 13.20
C SER G 140 -15.25 4.93 14.57
N PRO G 141 -16.53 5.36 14.57
CA PRO G 141 -17.34 5.29 15.78
C PRO G 141 -17.52 3.84 16.17
N PHE G 142 -17.67 3.58 17.47
CA PHE G 142 -17.77 2.23 18.00
C PHE G 142 -18.74 2.27 19.15
N GLY G 143 -19.20 1.11 19.59
CA GLY G 143 -20.13 1.03 20.72
C GLY G 143 -20.56 -0.40 20.97
N LEU G 144 -21.84 -0.54 21.28
CA LEU G 144 -22.46 -1.85 21.50
C LEU G 144 -23.65 -2.00 20.58
N SER G 145 -23.99 -3.25 20.28
CA SER G 145 -25.20 -3.55 19.54
C SER G 145 -26.36 -3.73 20.51
N PHE G 146 -26.11 -4.47 21.59
CA PHE G 146 -27.09 -4.61 22.66
C PHE G 146 -26.46 -5.03 23.97
N VAL G 147 -27.27 -5.08 25.01
CA VAL G 147 -26.82 -5.58 26.30
C VAL G 147 -28.02 -6.14 27.05
N ARG G 148 -27.86 -7.34 27.59
CA ARG G 148 -28.92 -8.01 28.33
C ARG G 148 -28.43 -8.39 29.72
N PHE G 149 -29.16 -7.93 30.72
CA PHE G 149 -28.96 -8.36 32.09
C PHE G 149 -30.05 -9.34 32.49
N HIS G 150 -29.70 -10.32 33.32
CA HIS G 150 -30.66 -11.30 33.78
C HIS G 150 -30.51 -11.41 35.27
N SER G 151 -31.63 -11.57 35.97
CA SER G 151 -31.63 -11.81 37.40
C SER G 151 -31.52 -13.31 37.62
N PRO G 152 -31.22 -13.71 38.88
CA PRO G 152 -31.15 -15.14 39.19
C PRO G 152 -32.50 -15.84 38.97
N PRO G 153 -32.45 -17.10 38.53
CA PRO G 153 -33.62 -17.92 38.18
C PRO G 153 -34.33 -18.48 39.41
N PRO H 2 37.80 25.95 -19.49
CA PRO H 2 38.34 26.78 -18.40
C PRO H 2 37.36 26.87 -17.24
N GLU H 3 37.85 26.74 -16.01
CA GLU H 3 36.98 26.86 -14.84
C GLU H 3 36.37 28.25 -14.79
N ILE H 4 35.05 28.33 -14.59
CA ILE H 4 34.36 29.59 -14.43
C ILE H 4 34.52 30.11 -13.01
N ARG H 5 34.77 31.41 -12.91
CA ARG H 5 34.97 32.06 -11.62
C ARG H 5 33.68 32.61 -11.04
N LEU H 6 33.45 32.36 -9.76
CA LEU H 6 32.24 32.78 -9.06
C LEU H 6 32.50 33.98 -8.15
N ARG H 7 31.70 35.04 -8.33
CA ARG H 7 31.91 36.31 -7.66
C ARG H 7 31.41 36.30 -6.22
N HIS H 8 30.11 36.06 -6.03
CA HIS H 8 29.54 36.08 -4.71
C HIS H 8 28.27 35.23 -4.63
N VAL H 9 27.75 35.05 -3.41
CA VAL H 9 26.49 34.34 -3.17
C VAL H 9 25.32 35.33 -3.20
N VAL H 10 24.38 35.15 -4.11
CA VAL H 10 23.26 36.08 -4.26
C VAL H 10 22.14 35.83 -3.24
N SER H 11 21.89 34.56 -2.96
CA SER H 11 20.89 34.17 -1.98
C SER H 11 21.21 32.77 -1.52
N CYS H 12 20.65 32.39 -0.38
CA CYS H 12 20.80 31.05 0.15
C CYS H 12 19.61 30.76 1.05
N SER H 13 18.93 29.63 0.78
CA SER H 13 17.73 29.27 1.54
C SER H 13 18.05 28.80 2.98
N SER H 14 19.25 28.28 3.17
CA SER H 14 19.66 27.78 4.47
C SER H 14 21.16 27.46 4.43
N GLN H 15 21.87 27.86 5.48
CA GLN H 15 23.30 27.57 5.60
C GLN H 15 23.79 27.51 7.04
N ASP H 16 24.89 26.80 7.23
CA ASP H 16 25.50 26.60 8.53
C ASP H 16 26.45 27.75 8.81
N SER H 17 26.81 27.94 10.09
CA SER H 17 27.72 29.02 10.46
C SER H 17 29.14 28.73 9.96
N THR H 18 29.51 27.46 9.94
CA THR H 18 30.80 27.03 9.42
C THR H 18 30.68 26.59 7.96
N HIS H 19 29.72 25.72 7.69
CA HIS H 19 29.50 25.25 6.33
C HIS H 19 28.50 26.17 5.65
N CYS H 20 28.97 27.36 5.29
CA CYS H 20 28.13 28.36 4.66
C CYS H 20 28.28 28.38 3.15
N ALA H 21 27.31 29.02 2.48
CA ALA H 21 27.27 29.13 1.03
C ALA H 21 28.57 29.66 0.41
N GLU H 22 29.20 30.61 1.10
CA GLU H 22 30.40 31.27 0.59
C GLU H 22 31.47 30.25 0.23
N ASN H 23 31.42 29.07 0.88
CA ASN H 23 32.40 28.00 0.66
C ASN H 23 32.38 27.38 -0.73
N LEU H 24 31.33 27.65 -1.50
CA LEU H 24 31.17 27.06 -2.82
C LEU H 24 31.78 27.92 -3.92
N LEU H 25 32.14 29.16 -3.59
CA LEU H 25 32.65 30.07 -4.60
C LEU H 25 33.95 29.55 -5.21
N LYS H 26 34.75 28.85 -4.41
CA LYS H 26 35.94 28.18 -4.93
C LYS H 26 36.05 26.74 -4.45
N ALA H 27 36.24 25.82 -5.39
CA ALA H 27 36.37 24.39 -5.10
C ALA H 27 37.69 24.08 -4.40
N ASP H 28 38.63 25.00 -4.57
CA ASP H 28 39.96 24.90 -3.96
C ASP H 28 39.95 24.65 -2.45
N THR H 29 38.91 25.14 -1.79
CA THR H 29 38.92 25.26 -0.32
C THR H 29 38.83 23.95 0.47
N TYR H 30 38.17 22.95 -0.09
CA TYR H 30 37.85 21.74 0.66
C TYR H 30 36.89 22.10 1.79
N ARG H 31 36.19 23.23 1.60
CA ARG H 31 35.15 23.68 2.51
C ARG H 31 33.74 23.44 1.95
N LYS H 32 32.81 23.14 2.85
CA LYS H 32 31.49 22.67 2.47
C LYS H 32 30.35 23.68 2.65
N TRP H 33 29.25 23.45 1.93
CA TRP H 33 28.02 24.14 2.24
C TRP H 33 26.99 23.17 2.78
N ARG H 34 26.41 23.50 3.93
CA ARG H 34 25.42 22.63 4.57
C ARG H 34 24.25 23.43 5.12
N ALA H 35 23.12 22.76 5.28
CA ALA H 35 21.92 23.39 5.80
C ALA H 35 22.13 23.82 7.24
N ALA H 36 21.44 24.89 7.64
CA ALA H 36 21.55 25.38 9.00
C ALA H 36 21.07 24.29 9.95
N LYS H 37 20.11 23.50 9.48
CA LYS H 37 19.47 22.51 10.32
C LYS H 37 19.19 21.18 9.63
N ALA H 38 19.11 20.14 10.44
CA ALA H 38 18.70 18.84 9.98
C ALA H 38 17.22 18.91 9.66
N GLY H 39 16.76 18.13 8.69
CA GLY H 39 15.34 17.99 8.44
C GLY H 39 14.70 18.96 7.46
N GLU H 40 15.50 19.83 6.85
CA GLU H 40 15.00 20.66 5.74
C GLU H 40 14.99 19.83 4.47
N LYS H 41 13.81 19.57 3.92
CA LYS H 41 13.70 18.65 2.78
C LYS H 41 14.51 19.09 1.55
N THR H 42 14.62 20.39 1.33
CA THR H 42 15.45 20.94 0.27
C THR H 42 16.04 22.28 0.68
N ILE H 43 17.15 22.65 0.05
CA ILE H 43 17.87 23.88 0.35
C ILE H 43 18.47 24.42 -0.95
N SER H 44 18.87 25.69 -0.97
CA SER H 44 19.18 26.36 -2.22
C SER H 44 20.18 27.51 -2.09
N VAL H 45 20.97 27.71 -3.13
CA VAL H 45 21.85 28.87 -3.23
C VAL H 45 21.89 29.39 -4.66
N VAL H 46 21.94 30.70 -4.79
CA VAL H 46 22.19 31.31 -6.08
C VAL H 46 23.59 31.92 -6.03
N LEU H 47 24.45 31.53 -6.97
CA LEU H 47 25.79 32.09 -7.10
C LEU H 47 25.89 33.04 -8.30
N GLN H 48 26.57 34.15 -8.10
CA GLN H 48 26.82 35.11 -9.17
C GLN H 48 28.19 34.87 -9.82
N LEU H 49 28.20 34.68 -11.14
CA LEU H 49 29.46 34.52 -11.87
C LEU H 49 30.11 35.88 -12.02
N GLU H 50 31.43 35.92 -12.20
CA GLU H 50 32.13 37.19 -12.38
C GLU H 50 31.75 37.86 -13.69
N LYS H 51 31.55 37.06 -14.72
CA LYS H 51 31.08 37.55 -16.01
C LYS H 51 30.05 36.57 -16.57
N GLU H 52 29.29 37.01 -17.57
CA GLU H 52 28.34 36.15 -18.23
C GLU H 52 29.10 35.13 -19.07
N GLU H 53 28.73 33.87 -18.94
CA GLU H 53 29.49 32.80 -19.59
C GLU H 53 28.61 31.64 -19.99
N GLN H 54 29.11 30.85 -20.94
CA GLN H 54 28.46 29.62 -21.36
C GLN H 54 29.02 28.44 -20.58
N ILE H 55 28.13 27.63 -20.03
CA ILE H 55 28.55 26.49 -19.21
C ILE H 55 28.67 25.22 -20.03
N HIS H 56 29.86 24.62 -20.00
CA HIS H 56 30.18 23.42 -20.77
C HIS H 56 29.99 22.17 -19.92
N SER H 57 30.37 22.26 -18.65
CA SER H 57 30.41 21.09 -17.77
C SER H 57 30.18 21.50 -16.33
N VAL H 58 29.73 20.55 -15.51
CA VAL H 58 29.42 20.80 -14.11
C VAL H 58 29.85 19.64 -13.22
N ASP H 59 30.76 19.90 -12.28
CA ASP H 59 31.14 18.89 -11.31
C ASP H 59 30.45 19.19 -10.00
N ILE H 60 29.90 18.16 -9.38
CA ILE H 60 29.19 18.32 -8.14
C ILE H 60 29.84 17.36 -7.16
N GLY H 61 30.26 17.88 -6.02
CA GLY H 61 30.74 17.05 -4.95
C GLY H 61 29.67 17.01 -3.89
N ASN H 62 29.05 15.84 -3.72
CA ASN H 62 27.94 15.72 -2.79
C ASN H 62 28.35 15.82 -1.33
N ASP H 63 27.36 15.92 -0.45
CA ASP H 63 27.61 15.95 0.98
C ASP H 63 26.32 15.74 1.77
N GLY H 64 25.68 14.60 1.54
CA GLY H 64 24.47 14.24 2.26
C GLY H 64 23.16 14.40 1.50
N SER H 65 23.20 15.01 0.32
CA SER H 65 22.00 15.19 -0.49
C SER H 65 21.67 13.93 -1.29
N ALA H 66 20.37 13.75 -1.58
CA ALA H 66 19.90 12.63 -2.38
C ALA H 66 19.74 13.04 -3.83
N PHE H 67 19.35 14.29 -4.03
CA PHE H 67 19.17 14.86 -5.36
C PHE H 67 19.83 16.23 -5.47
N VAL H 68 20.32 16.55 -6.66
CA VAL H 68 20.84 17.88 -6.91
C VAL H 68 20.38 18.39 -8.28
N GLU H 69 19.93 19.65 -8.29
CA GLU H 69 19.47 20.25 -9.52
C GLU H 69 20.22 21.57 -9.70
N VAL H 70 20.57 21.87 -10.95
CA VAL H 70 21.23 23.13 -11.28
C VAL H 70 20.41 23.87 -12.33
N LEU H 71 20.04 25.09 -11.98
CA LEU H 71 19.36 25.99 -12.90
C LEU H 71 20.24 27.22 -13.17
N VAL H 72 19.98 27.86 -14.31
CA VAL H 72 20.78 28.99 -14.75
C VAL H 72 19.89 30.20 -14.99
N GLY H 73 20.42 31.39 -14.69
CA GLY H 73 19.65 32.59 -14.83
C GLY H 73 20.51 33.80 -15.12
N SER H 74 19.88 34.96 -15.16
CA SER H 74 20.57 36.19 -15.46
C SER H 74 20.28 37.18 -14.35
N SER H 75 21.27 38.01 -14.05
CA SER H 75 21.08 39.07 -13.07
C SER H 75 20.37 40.25 -13.73
N ALA H 76 20.36 40.23 -15.06
CA ALA H 76 19.72 41.28 -15.84
C ALA H 76 18.19 41.17 -15.82
N GLY H 77 17.52 42.29 -15.54
CA GLY H 77 16.07 42.31 -15.43
C GLY H 77 15.62 41.54 -14.22
N GLY H 78 16.45 41.51 -13.19
CA GLY H 78 16.17 40.74 -11.99
C GLY H 78 16.18 39.26 -12.29
N ALA H 79 15.80 38.47 -11.30
CA ALA H 79 15.72 37.01 -11.47
C ALA H 79 14.58 36.44 -10.64
N GLY H 80 13.53 35.98 -11.30
CA GLY H 80 12.37 35.45 -10.63
C GLY H 80 12.41 33.94 -10.46
N GLU H 81 11.38 33.40 -9.81
CA GLU H 81 11.23 31.96 -9.70
C GLU H 81 11.13 31.36 -11.10
N GLN H 82 10.18 31.88 -11.87
CA GLN H 82 9.97 31.44 -13.25
C GLN H 82 11.04 32.00 -14.19
N ASP H 83 12.15 32.46 -13.63
CA ASP H 83 13.20 33.11 -14.41
C ASP H 83 14.39 32.17 -14.65
N TYR H 84 14.60 31.22 -13.74
CA TYR H 84 15.69 30.26 -13.89
C TYR H 84 15.34 29.12 -14.85
N GLU H 85 16.23 28.90 -15.81
CA GLU H 85 16.16 27.77 -16.73
C GLU H 85 16.82 26.59 -16.04
N VAL H 86 16.38 25.37 -16.34
CA VAL H 86 17.08 24.20 -15.82
C VAL H 86 18.26 23.89 -16.72
N LEU H 87 19.47 23.79 -16.15
CA LEU H 87 20.64 23.39 -16.91
C LEU H 87 20.96 21.90 -16.69
N LEU H 88 21.02 21.50 -15.42
CA LEU H 88 21.15 20.10 -15.09
C LEU H 88 19.89 19.60 -14.37
N VAL H 89 19.13 18.74 -15.04
CA VAL H 89 17.91 18.18 -14.48
C VAL H 89 18.22 17.39 -13.19
N THR H 90 17.24 17.31 -12.29
CA THR H 90 17.41 16.63 -11.01
C THR H 90 18.20 15.34 -11.18
N SER H 91 19.40 15.31 -10.59
CA SER H 91 20.27 14.15 -10.69
C SER H 91 20.47 13.49 -9.32
N SER H 92 20.50 12.16 -9.31
CA SER H 92 20.63 11.39 -8.08
C SER H 92 22.09 11.25 -7.63
N PHE H 93 22.29 11.29 -6.32
CA PHE H 93 23.63 11.20 -5.73
C PHE H 93 23.63 10.18 -4.60
N MET H 94 22.43 9.76 -4.22
CA MET H 94 22.25 8.98 -3.01
C MET H 94 20.91 8.28 -3.10
N SER H 95 20.88 7.01 -2.71
CA SER H 95 19.63 6.24 -2.69
C SER H 95 18.88 6.48 -1.37
N PRO H 96 17.63 6.02 -1.30
CA PRO H 96 16.88 6.10 -0.04
C PRO H 96 17.57 5.35 1.09
N SER H 97 18.04 4.14 0.80
CA SER H 97 18.71 3.30 1.79
C SER H 97 20.00 3.95 2.31
N GLU H 98 20.79 4.48 1.37
CA GLU H 98 22.01 5.17 1.70
C GLU H 98 21.69 6.44 2.46
N SER H 99 20.69 7.17 1.97
CA SER H 99 20.23 8.40 2.60
C SER H 99 19.83 8.13 4.06
N ARG H 100 19.12 7.03 4.27
CA ARG H 100 18.67 6.63 5.60
C ARG H 100 19.81 6.21 6.53
N SER H 101 20.79 5.50 5.99
CA SER H 101 21.93 5.03 6.78
C SER H 101 23.14 5.96 6.76
N GLY H 102 23.15 6.91 5.84
CA GLY H 102 24.25 7.86 5.73
C GLY H 102 25.43 7.32 4.93
N SER H 103 25.19 6.30 4.10
CA SER H 103 26.26 5.67 3.29
C SER H 103 26.51 6.41 1.99
N ASN H 104 27.78 6.59 1.64
CA ASN H 104 28.15 7.29 0.41
C ASN H 104 27.52 8.66 0.25
N PRO H 105 27.78 9.57 1.21
CA PRO H 105 27.23 10.93 1.14
C PRO H 105 28.10 11.87 0.32
N ASN H 106 29.31 11.41 -0.03
CA ASN H 106 30.33 12.28 -0.56
C ASN H 106 30.64 12.03 -2.03
N ARG H 107 29.80 11.24 -2.67
CA ARG H 107 29.89 10.94 -4.09
C ARG H 107 30.01 12.19 -4.97
N VAL H 108 31.05 12.24 -5.80
CA VAL H 108 31.21 13.31 -6.77
C VAL H 108 30.90 12.87 -8.20
N ARG H 109 30.10 13.69 -8.90
CA ARG H 109 29.62 13.35 -10.22
C ARG H 109 29.85 14.49 -11.20
N MET H 110 30.37 14.13 -12.37
CA MET H 110 30.67 15.08 -13.42
C MET H 110 29.58 15.03 -14.51
N PHE H 111 29.20 16.20 -15.00
CA PHE H 111 28.13 16.31 -16.00
C PHE H 111 28.61 17.15 -17.20
N GLY H 112 28.95 16.46 -18.29
CA GLY H 112 29.43 17.07 -19.50
C GLY H 112 28.31 17.68 -20.33
N PRO H 113 28.64 18.20 -21.52
CA PRO H 113 27.69 18.92 -22.38
C PRO H 113 26.50 18.05 -22.77
N ASP H 114 26.71 16.74 -22.82
CA ASP H 114 25.67 15.78 -23.22
C ASP H 114 24.66 15.46 -22.12
N LYS H 115 25.03 15.72 -20.86
CA LYS H 115 24.16 15.40 -19.74
C LYS H 115 23.38 16.60 -19.26
N LEU H 116 23.72 17.76 -19.82
CA LEU H 116 23.02 19.01 -19.53
C LEU H 116 21.92 19.21 -20.55
N VAL H 117 20.88 19.98 -20.19
CA VAL H 117 19.85 20.30 -21.16
C VAL H 117 20.39 21.32 -22.14
N ARG H 118 20.26 21.04 -23.43
CA ARG H 118 20.99 21.80 -24.44
C ARG H 118 20.35 23.13 -24.83
N ALA H 119 19.06 23.30 -24.53
CA ALA H 119 18.43 24.58 -24.75
C ALA H 119 19.07 25.61 -23.83
N ALA H 120 19.14 25.26 -22.55
CA ALA H 120 19.75 26.13 -21.56
C ALA H 120 21.26 26.18 -21.75
N ALA H 121 21.86 25.03 -22.06
CA ALA H 121 23.32 24.89 -22.19
C ALA H 121 23.86 25.65 -23.39
N GLU H 122 22.96 26.06 -24.28
CA GLU H 122 23.33 26.75 -25.51
C GLU H 122 23.64 28.22 -25.24
N LYS H 123 22.96 28.77 -24.24
CA LYS H 123 23.02 30.22 -23.94
C LYS H 123 24.08 30.60 -22.90
N ARG H 124 24.22 31.90 -22.68
CA ARG H 124 25.15 32.45 -21.69
C ARG H 124 24.42 32.99 -20.46
N TRP H 125 25.02 32.80 -19.29
CA TRP H 125 24.39 33.21 -18.04
C TRP H 125 25.42 33.81 -17.09
N ASP H 126 24.93 34.45 -16.03
CA ASP H 126 25.80 34.98 -15.00
C ASP H 126 25.27 34.67 -13.60
N ARG H 127 24.17 33.92 -13.56
CA ARG H 127 23.60 33.46 -12.30
C ARG H 127 23.45 31.94 -12.33
N VAL H 128 23.61 31.31 -11.17
CA VAL H 128 23.57 29.86 -11.09
C VAL H 128 22.85 29.44 -9.82
N LYS H 129 21.75 28.71 -9.97
CA LYS H 129 20.97 28.24 -8.83
C LYS H 129 21.16 26.74 -8.63
N ILE H 130 21.60 26.36 -7.42
CA ILE H 130 21.76 24.96 -7.08
C ILE H 130 20.74 24.53 -6.01
N VAL H 131 19.91 23.54 -6.34
CA VAL H 131 18.92 23.01 -5.39
C VAL H 131 19.29 21.59 -4.95
N CYS H 132 19.37 21.39 -3.64
CA CYS H 132 19.66 20.08 -3.05
C CYS H 132 18.50 19.55 -2.26
N SER H 133 18.21 18.26 -2.42
CA SER H 133 17.11 17.62 -1.71
C SER H 133 17.57 16.41 -0.91
N GLN H 134 16.90 16.18 0.22
CA GLN H 134 17.12 14.96 0.99
C GLN H 134 15.81 14.59 1.67
N PRO H 135 14.93 13.91 0.92
CA PRO H 135 13.58 13.50 1.36
C PRO H 135 13.59 12.19 2.17
N TYR H 136 14.69 11.44 2.11
CA TYR H 136 14.75 10.10 2.67
C TYR H 136 15.28 10.05 4.10
N SER H 137 15.84 11.17 4.56
CA SER H 137 16.39 11.23 5.91
C SER H 137 16.36 12.66 6.45
N LYS H 138 15.81 12.82 7.64
CA LYS H 138 15.74 14.12 8.30
C LYS H 138 16.67 14.14 9.51
N ASP H 139 17.55 13.15 9.57
CA ASP H 139 18.45 12.96 10.71
C ASP H 139 19.64 13.92 10.75
N SER H 140 20.07 14.43 9.60
CA SER H 140 21.28 15.23 9.54
C SER H 140 21.15 16.42 8.59
N PRO H 141 21.98 17.45 8.81
CA PRO H 141 22.18 18.51 7.80
C PRO H 141 22.87 17.92 6.57
N PHE H 142 22.58 18.49 5.41
CA PHE H 142 23.10 17.96 4.15
C PHE H 142 23.43 19.14 3.27
N GLY H 143 24.16 18.89 2.19
CA GLY H 143 24.49 19.94 1.26
C GLY H 143 25.42 19.47 0.17
N LEU H 144 26.37 20.33 -0.19
CA LEU H 144 27.40 20.00 -1.18
C LEU H 144 28.78 20.17 -0.56
N SER H 145 29.75 19.43 -1.09
CA SER H 145 31.14 19.60 -0.72
C SER H 145 31.78 20.68 -1.60
N PHE H 146 31.50 20.61 -2.90
CA PHE H 146 31.94 21.66 -3.83
C PHE H 146 31.11 21.65 -5.11
N VAL H 147 31.37 22.63 -5.96
CA VAL H 147 30.76 22.69 -7.28
C VAL H 147 31.71 23.41 -8.23
N ARG H 148 31.92 22.83 -9.40
CA ARG H 148 32.78 23.43 -10.40
C ARG H 148 32.07 23.59 -11.74
N PHE H 149 32.06 24.82 -12.23
CA PHE H 149 31.53 25.11 -13.55
C PHE H 149 32.71 25.36 -14.51
N HIS H 150 32.57 24.94 -15.77
CA HIS H 150 33.61 25.12 -16.75
C HIS H 150 32.98 25.69 -18.00
N SER H 151 33.68 26.64 -18.61
CA SER H 151 33.24 27.20 -19.87
C SER H 151 33.78 26.33 -21.01
N PRO H 152 33.22 26.51 -22.21
CA PRO H 152 33.72 25.72 -23.36
C PRO H 152 35.19 25.99 -23.59
N PRO H 153 35.92 24.97 -24.06
CA PRO H 153 37.36 25.00 -24.33
C PRO H 153 37.68 25.70 -25.65
#